data_8FFX
#
_entry.id   8FFX
#
_cell.length_a   161.952
_cell.length_b   73.377
_cell.length_c   107.966
_cell.angle_alpha   90.000
_cell.angle_beta   100.050
_cell.angle_gamma   90.000
#
_symmetry.space_group_name_H-M   'C 1 2 1'
#
loop_
_entity.id
_entity.type
_entity.pdbx_description
1 polymer 'Reverse transcriptase/ribonuclease H'
2 polymer 'p51 RT'
3 non-polymer 'DIMETHYL SULFOXIDE'
4 non-polymer 'ethyl (8S)-4-(cyclopropylethynyl)pyrazolo[1,5-a]pyridine-3-carboxylate'
5 non-polymer 1,2-ETHANEDIOL
6 non-polymer 'SULFATE ION'
7 water water
#
loop_
_entity_poly.entity_id
_entity_poly.type
_entity_poly.pdbx_seq_one_letter_code
_entity_poly.pdbx_strand_id
1 'polypeptide(L)'
;MVPISPIETVPVKLKPGMDGPKVKQWPLTEEKIKALVEICTEMEKEGKISKIGPENPYNTPVFAIKKKDSTKWRKLVDFR
ELNKRTQDFWEVQLGIPHPAGLKKKKSVTVLDVGDAYFSVPLDEDFRKYTAFTIPSINNETPGIRYQYNVLPQGWKGSPA
IFQSSMTKILEPFAAQNPDIVIYQYMDDLYVGSDLEIGQHRTKIEELRQHLLRWGLTTPDKKHQKEPPFLWMGYELHPDK
WTVQPIVLPEKDSWTVNDIQKLVGKLNWASQIYPGIKVRQLSKLLRGTKALTEVIPLTEEAELELAENREILKEPVHGVY
YDPSKDLIAEIQKQGQGQWTYQIYQEPFKNLKTGKYARMRGAHTNDVKQLTEAVQKITTESIVIWGKTPKFKLPIQKETW
ETWWTEYWQATWIPEWEFVNTPPLVKLWYQLEKEPIVGAETFYVDGAANRETKLGKAGYVTNKGRQKVVPLTNTTNQKTE
LQAIYLALQDSGLEVNIVTDSQYALGIIQAQPDKSESELVNQIIEQLIKKEKVYLAWVPAHKGIGGNEQVDKLVSAG
;
A
2 'polypeptide(L)'
;PISPIETVPVKLKPGMDGPKVKQWPLTEEKIKALVEICTEMEKEGKISKIGPENPYNTPVFAIKKKDSTKWRKLVDFREL
NKRTQDFWEVQLGIPHPAGLKKKKSVTVLDVGDAYFSVPLDEDFRKYTAFTIPSINNETPGIRYQYNVLPQGWKGSPAIF
QSSMTKILEPFKKQNPDIVIYQYMDDLYVGSDLEIGQHRTKIEELRQHLLRWGLTTPDKKHQKEPPFLWMGYELHPDKWT
VQPIVLPEKDSWTVNDIQKLVGKLNWASQIYPGIKVRQLSKLLRGTKALTEVIPLTEEAELELAENREILKEPVHGVYYD
PSKDLIAEIQKQGQGQWTYQIYQEPFKNLKTGKYARMRGAHTNDVKQLTEAVQKITTESIVIWGKTPKFKLPIQKETWET
WWTEYWQATWIPEWEFVNTPPLVKLWYQ
;
B
#
loop_
_chem_comp.id
_chem_comp.type
_chem_comp.name
_chem_comp.formula
DMS non-polymer 'DIMETHYL SULFOXIDE' 'C2 H6 O S'
EDO non-polymer 1,2-ETHANEDIOL 'C2 H6 O2'
SO4 non-polymer 'SULFATE ION' 'O4 S -2'
XU9 non-polymer 'ethyl (8S)-4-(cyclopropylethynyl)pyrazolo[1,5-a]pyridine-3-carboxylate' 'C15 H14 N2 O2'
#
# COMPACT_ATOMS: atom_id res chain seq x y z
N VAL A 2 -38.14 -34.15 15.99
CA VAL A 2 -36.78 -33.80 15.61
C VAL A 2 -36.40 -32.43 16.16
N PRO A 3 -35.50 -32.40 17.14
CA PRO A 3 -35.13 -31.12 17.77
C PRO A 3 -34.21 -30.31 16.86
N ILE A 4 -34.32 -29.00 16.97
CA ILE A 4 -33.59 -28.05 16.14
C ILE A 4 -32.43 -27.50 16.95
N SER A 5 -31.24 -27.49 16.37
CA SER A 5 -30.07 -26.93 17.04
C SER A 5 -30.20 -25.42 17.16
N PRO A 6 -29.84 -24.83 18.30
CA PRO A 6 -30.01 -23.39 18.49
C PRO A 6 -28.84 -22.62 17.88
N ILE A 7 -29.16 -21.60 17.08
CA ILE A 7 -28.13 -20.74 16.50
C ILE A 7 -27.66 -19.76 17.58
N GLU A 8 -26.38 -19.86 17.94
CA GLU A 8 -25.85 -19.04 19.02
C GLU A 8 -25.94 -17.55 18.65
N THR A 9 -26.34 -16.74 19.62
CA THR A 9 -26.59 -15.34 19.36
C THR A 9 -25.30 -14.55 19.34
N VAL A 10 -25.31 -13.44 18.62
CA VAL A 10 -24.17 -12.53 18.54
C VAL A 10 -24.45 -11.34 19.46
N PRO A 11 -23.63 -11.09 20.48
CA PRO A 11 -23.85 -9.94 21.35
C PRO A 11 -23.66 -8.63 20.59
N VAL A 12 -24.68 -7.77 20.63
CA VAL A 12 -24.69 -6.51 19.90
C VAL A 12 -25.00 -5.38 20.88
N LYS A 13 -24.24 -4.28 20.78
CA LYS A 13 -24.45 -3.11 21.61
C LYS A 13 -24.63 -1.88 20.73
N LEU A 14 -25.18 -0.83 21.34
CA LEU A 14 -25.29 0.45 20.67
C LEU A 14 -23.95 1.17 20.71
N LYS A 15 -23.84 2.24 19.91
CA LYS A 15 -22.64 3.06 19.96
C LYS A 15 -22.49 3.67 21.36
N PRO A 16 -21.26 3.86 21.83
CA PRO A 16 -21.07 4.37 23.20
C PRO A 16 -21.62 5.79 23.33
N GLY A 17 -22.42 6.00 24.36
CA GLY A 17 -23.01 7.30 24.67
C GLY A 17 -24.39 7.51 24.08
N MET A 18 -24.61 7.01 22.87
CA MET A 18 -25.90 7.13 22.22
C MET A 18 -26.91 6.18 22.83
N ASP A 19 -28.19 6.47 22.60
CA ASP A 19 -29.31 5.66 23.01
C ASP A 19 -29.98 5.05 21.78
N GLY A 20 -31.09 4.36 22.00
CA GLY A 20 -31.86 3.81 20.91
C GLY A 20 -32.73 4.86 20.26
N PRO A 21 -33.45 4.44 19.22
CA PRO A 21 -34.25 5.41 18.47
C PRO A 21 -35.59 5.68 19.11
N LYS A 22 -36.08 6.91 18.91
CA LYS A 22 -37.38 7.31 19.41
C LYS A 22 -38.16 8.08 18.36
N VAL A 23 -37.96 7.74 17.08
CA VAL A 23 -38.70 8.39 16.00
C VAL A 23 -40.16 7.93 16.05
N LYS A 24 -41.08 8.88 15.94
CA LYS A 24 -42.50 8.58 16.08
C LYS A 24 -43.03 7.89 14.83
N GLN A 25 -44.28 7.44 14.91
CA GLN A 25 -44.93 6.69 13.84
C GLN A 25 -45.75 7.63 12.97
N TRP A 26 -45.62 7.46 11.65
CA TRP A 26 -46.40 8.21 10.68
C TRP A 26 -47.82 7.65 10.58
N PRO A 27 -48.80 8.50 10.30
CA PRO A 27 -50.18 8.01 10.14
C PRO A 27 -50.34 7.26 8.82
N LEU A 28 -50.98 6.09 8.89
CA LEU A 28 -51.24 5.28 7.71
C LEU A 28 -52.74 5.16 7.47
N THR A 29 -53.10 4.91 6.22
CA THR A 29 -54.48 4.66 5.86
C THR A 29 -54.98 3.36 6.50
N GLU A 30 -56.30 3.17 6.47
CA GLU A 30 -56.90 2.02 7.14
C GLU A 30 -56.51 0.71 6.46
N GLU A 31 -56.44 0.70 5.13
CA GLU A 31 -56.02 -0.51 4.42
C GLU A 31 -54.57 -0.83 4.71
N LYS A 32 -53.73 0.19 4.84
CA LYS A 32 -52.34 -0.04 5.22
C LYS A 32 -52.25 -0.61 6.64
N ILE A 33 -53.02 -0.04 7.56
CA ILE A 33 -53.01 -0.54 8.94
C ILE A 33 -53.58 -1.96 9.00
N LYS A 34 -54.64 -2.22 8.23
CA LYS A 34 -55.21 -3.57 8.20
C LYS A 34 -54.21 -4.57 7.60
N ALA A 35 -53.41 -4.13 6.63
CA ALA A 35 -52.42 -5.02 6.05
C ALA A 35 -51.27 -5.29 7.01
N LEU A 36 -50.80 -4.25 7.71
CA LEU A 36 -49.72 -4.45 8.67
C LEU A 36 -50.14 -5.35 9.81
N VAL A 37 -51.38 -5.21 10.29
CA VAL A 37 -51.86 -6.05 11.39
C VAL A 37 -51.89 -7.50 10.95
N GLU A 38 -52.36 -7.76 9.72
CA GLU A 38 -52.36 -9.13 9.20
C GLU A 38 -50.93 -9.67 9.09
N ILE A 39 -50.02 -8.88 8.54
CA ILE A 39 -48.63 -9.31 8.40
C ILE A 39 -48.02 -9.58 9.77
N CYS A 40 -48.17 -8.63 10.69
CA CYS A 40 -47.53 -8.77 11.99
C CYS A 40 -48.17 -9.86 12.84
N THR A 41 -49.39 -10.28 12.51
CA THR A 41 -49.99 -11.40 13.21
C THR A 41 -49.35 -12.70 12.76
N GLU A 42 -49.11 -12.85 11.46
CA GLU A 42 -48.45 -14.05 10.95
C GLU A 42 -47.02 -14.13 11.43
N MET A 43 -46.30 -12.99 11.40
CA MET A 43 -44.92 -13.00 11.87
C MET A 43 -44.83 -13.34 13.35
N GLU A 44 -45.82 -12.90 14.14
CA GLU A 44 -45.83 -13.23 15.56
C GLU A 44 -46.07 -14.72 15.77
N LYS A 45 -46.92 -15.32 14.95
CA LYS A 45 -47.15 -16.76 15.05
C LYS A 45 -45.92 -17.56 14.65
N GLU A 46 -45.03 -16.98 13.85
CA GLU A 46 -43.80 -17.64 13.45
C GLU A 46 -42.63 -17.33 14.37
N GLY A 47 -42.86 -16.58 15.45
CA GLY A 47 -41.81 -16.26 16.40
C GLY A 47 -40.87 -15.15 15.98
N LYS A 48 -41.04 -14.58 14.79
CA LYS A 48 -40.14 -13.53 14.34
C LYS A 48 -40.22 -12.30 15.22
N ILE A 49 -41.43 -11.86 15.57
CA ILE A 49 -41.62 -10.70 16.43
C ILE A 49 -42.43 -11.08 17.65
N SER A 50 -42.65 -10.12 18.54
CA SER A 50 -43.38 -10.32 19.79
C SER A 50 -44.00 -9.01 20.22
N LYS A 51 -45.20 -9.10 20.81
CA LYS A 51 -45.87 -7.93 21.36
C LYS A 51 -45.21 -7.52 22.67
N ILE A 52 -44.98 -6.22 22.84
CA ILE A 52 -44.33 -5.70 24.04
C ILE A 52 -45.28 -4.71 24.72
N GLY A 53 -45.05 -4.52 26.02
CA GLY A 53 -45.84 -3.60 26.78
C GLY A 53 -45.39 -2.16 26.59
N PRO A 54 -46.10 -1.24 27.24
CA PRO A 54 -45.76 0.18 27.10
C PRO A 54 -44.49 0.58 27.82
N GLU A 55 -43.82 -0.33 28.53
CA GLU A 55 -42.59 0.00 29.22
C GLU A 55 -41.40 0.17 28.27
N ASN A 56 -41.54 -0.24 27.01
CA ASN A 56 -40.49 -0.05 26.03
C ASN A 56 -40.60 1.34 25.43
N PRO A 57 -39.63 2.23 25.68
CA PRO A 57 -39.74 3.63 25.23
C PRO A 57 -39.14 3.91 23.86
N TYR A 58 -38.82 2.89 23.09
CA TYR A 58 -38.18 3.08 21.79
C TYR A 58 -39.18 2.81 20.67
N ASN A 59 -38.95 3.44 19.52
CA ASN A 59 -39.85 3.27 18.40
C ASN A 59 -39.09 3.47 17.10
N THR A 60 -39.50 2.72 16.08
CA THR A 60 -38.96 2.82 14.74
C THR A 60 -40.11 2.87 13.76
N PRO A 61 -40.14 3.84 12.82
CA PRO A 61 -41.29 3.97 11.93
C PRO A 61 -41.46 2.76 11.01
N VAL A 62 -42.72 2.43 10.74
CA VAL A 62 -43.08 1.31 9.89
C VAL A 62 -43.93 1.83 8.73
N PHE A 63 -43.88 1.09 7.62
CA PHE A 63 -44.60 1.49 6.41
C PHE A 63 -45.18 0.26 5.74
N ALA A 64 -46.04 0.51 4.76
CA ALA A 64 -46.62 -0.55 3.94
C ALA A 64 -46.56 -0.12 2.48
N ILE A 65 -45.92 -0.92 1.65
CA ILE A 65 -45.74 -0.63 0.24
C ILE A 65 -46.40 -1.75 -0.56
N LYS A 66 -47.10 -1.37 -1.62
CA LYS A 66 -47.77 -2.34 -2.48
C LYS A 66 -46.76 -3.15 -3.28
N LYS A 67 -46.85 -4.48 -3.18
CA LYS A 67 -46.07 -5.34 -4.05
C LYS A 67 -46.50 -5.16 -5.50
N LYS A 68 -45.56 -5.38 -6.41
CA LYS A 68 -45.87 -5.30 -7.83
C LYS A 68 -46.80 -6.44 -8.23
N ASP A 69 -47.78 -6.12 -9.07
CA ASP A 69 -48.78 -7.06 -9.56
C ASP A 69 -49.65 -7.61 -8.42
N SER A 70 -49.03 -8.35 -7.50
CA SER A 70 -49.76 -8.97 -6.41
C SER A 70 -50.40 -7.90 -5.53
N THR A 71 -51.68 -8.10 -5.20
CA THR A 71 -52.41 -7.16 -4.35
C THR A 71 -51.99 -7.23 -2.90
N LYS A 72 -51.19 -8.22 -2.51
CA LYS A 72 -50.78 -8.35 -1.12
C LYS A 72 -49.74 -7.30 -0.76
N TRP A 73 -49.92 -6.65 0.37
CA TRP A 73 -49.02 -5.59 0.81
C TRP A 73 -47.70 -6.18 1.32
N ARG A 74 -46.72 -5.29 1.49
CA ARG A 74 -45.42 -5.66 2.01
C ARG A 74 -45.05 -4.75 3.18
N LYS A 75 -44.45 -5.35 4.20
CA LYS A 75 -44.06 -4.63 5.40
C LYS A 75 -42.63 -4.14 5.29
N LEU A 76 -42.39 -2.93 5.82
CA LEU A 76 -41.07 -2.30 5.72
C LEU A 76 -40.83 -1.43 6.94
N VAL A 77 -39.69 -1.63 7.60
CA VAL A 77 -39.28 -0.82 8.74
C VAL A 77 -38.15 0.10 8.30
N ASP A 78 -38.19 1.33 8.79
CA ASP A 78 -37.18 2.34 8.46
C ASP A 78 -36.16 2.38 9.60
N PHE A 79 -35.22 1.45 9.55
CA PHE A 79 -34.18 1.32 10.55
C PHE A 79 -33.05 2.33 10.37
N ARG A 80 -33.24 3.35 9.54
CA ARG A 80 -32.17 4.31 9.25
C ARG A 80 -31.66 4.97 10.54
N GLU A 81 -32.57 5.38 11.41
CA GLU A 81 -32.15 6.03 12.64
C GLU A 81 -31.48 5.04 13.60
N LEU A 82 -31.95 3.80 13.64
CA LEU A 82 -31.31 2.82 14.51
C LEU A 82 -29.95 2.41 13.99
N ASN A 83 -29.81 2.31 12.66
CA ASN A 83 -28.52 1.99 12.07
C ASN A 83 -27.49 3.06 12.33
N LYS A 84 -27.90 4.31 12.57
CA LYS A 84 -26.94 5.35 12.90
C LYS A 84 -26.41 5.21 14.32
N ARG A 85 -27.19 4.56 15.20
CA ARG A 85 -26.83 4.40 16.59
C ARG A 85 -26.35 2.99 16.93
N THR A 86 -26.24 2.12 15.94
CA THR A 86 -25.76 0.77 16.15
C THR A 86 -24.23 0.73 15.99
N GLN A 87 -23.59 -0.13 16.77
CA GLN A 87 -22.15 -0.31 16.68
C GLN A 87 -21.73 -0.66 15.25
N ASP A 88 -20.46 -0.43 14.96
CA ASP A 88 -19.89 -0.91 13.71
C ASP A 88 -19.71 -2.42 13.78
N PHE A 89 -19.80 -3.05 12.60
CA PHE A 89 -19.60 -4.48 12.47
C PHE A 89 -18.45 -4.73 11.51
N TRP A 90 -17.91 -5.95 11.57
CA TRP A 90 -16.94 -6.38 10.57
C TRP A 90 -17.69 -6.80 9.32
N GLU A 91 -17.84 -5.87 8.38
CA GLU A 91 -18.51 -6.19 7.12
C GLU A 91 -17.69 -7.20 6.33
N VAL A 92 -18.25 -8.40 6.13
CA VAL A 92 -17.51 -9.48 5.48
C VAL A 92 -17.82 -9.61 3.99
N GLN A 93 -18.94 -9.04 3.52
CA GLN A 93 -19.27 -9.08 2.10
C GLN A 93 -18.69 -7.89 1.33
N LEU A 94 -17.60 -7.30 1.81
CA LEU A 94 -17.05 -6.12 1.15
C LEU A 94 -16.56 -6.46 -0.26
N GLY A 95 -15.85 -7.57 -0.42
CA GLY A 95 -15.33 -7.99 -1.71
C GLY A 95 -16.06 -9.22 -2.21
N ILE A 96 -16.39 -9.21 -3.49
CA ILE A 96 -17.02 -10.36 -4.13
C ILE A 96 -16.00 -11.05 -5.02
N PRO A 97 -16.11 -12.37 -5.22
CA PRO A 97 -15.16 -13.06 -6.09
C PRO A 97 -15.24 -12.57 -7.52
N HIS A 98 -14.10 -12.61 -8.19
CA HIS A 98 -14.10 -12.38 -9.63
C HIS A 98 -14.22 -13.70 -10.38
N PRO A 99 -15.05 -13.76 -11.42
CA PRO A 99 -15.23 -15.02 -12.16
C PRO A 99 -13.92 -15.61 -12.68
N ALA A 100 -12.93 -14.78 -13.02
CA ALA A 100 -11.68 -15.32 -13.55
C ALA A 100 -10.95 -16.20 -12.54
N GLY A 101 -11.17 -15.97 -11.24
CA GLY A 101 -10.54 -16.73 -10.18
C GLY A 101 -11.26 -17.99 -9.76
N LEU A 102 -12.49 -18.20 -10.23
CA LEU A 102 -13.22 -19.43 -9.93
C LEU A 102 -12.55 -20.61 -10.60
N LYS A 103 -12.22 -21.61 -9.77
CA LYS A 103 -11.55 -22.84 -10.27
C LYS A 103 -12.54 -23.65 -11.10
N LYS A 104 -12.00 -24.49 -11.99
CA LYS A 104 -12.84 -25.29 -12.87
C LYS A 104 -13.59 -26.35 -12.07
N LYS A 105 -14.92 -26.32 -12.13
CA LYS A 105 -15.75 -27.33 -11.51
C LYS A 105 -16.68 -27.96 -12.56
N LYS A 106 -17.03 -29.22 -12.32
CA LYS A 106 -17.83 -29.97 -13.29
C LYS A 106 -19.32 -29.63 -13.16
N SER A 107 -19.84 -29.61 -11.94
CA SER A 107 -21.25 -29.32 -11.71
C SER A 107 -21.37 -28.30 -10.59
N VAL A 108 -22.23 -27.30 -10.80
CA VAL A 108 -22.47 -26.25 -9.82
C VAL A 108 -23.95 -26.15 -9.55
N THR A 109 -24.30 -25.99 -8.28
CA THR A 109 -25.69 -25.91 -7.86
C THR A 109 -25.87 -24.71 -6.95
N VAL A 110 -27.01 -24.02 -7.12
CA VAL A 110 -27.34 -22.85 -6.34
C VAL A 110 -28.50 -23.20 -5.43
N LEU A 111 -28.36 -22.88 -4.15
CA LEU A 111 -29.38 -23.12 -3.14
C LEU A 111 -29.85 -21.79 -2.58
N ASP A 112 -31.15 -21.56 -2.59
CA ASP A 112 -31.74 -20.33 -2.07
C ASP A 112 -32.13 -20.53 -0.61
N VAL A 113 -31.54 -19.73 0.28
CA VAL A 113 -31.82 -19.82 1.71
C VAL A 113 -32.47 -18.52 2.18
N GLY A 114 -33.38 -17.97 1.36
CA GLY A 114 -34.01 -16.70 1.69
C GLY A 114 -34.80 -16.72 2.99
N ASP A 115 -35.30 -17.89 3.38
CA ASP A 115 -36.04 -18.01 4.63
C ASP A 115 -35.14 -17.85 5.84
N ALA A 116 -33.85 -18.18 5.70
CA ALA A 116 -32.97 -18.20 6.87
C ALA A 116 -32.65 -16.80 7.38
N TYR A 117 -32.74 -15.79 6.51
CA TYR A 117 -32.44 -14.43 6.95
C TYR A 117 -33.29 -14.03 8.15
N PHE A 118 -34.59 -14.31 8.09
CA PHE A 118 -35.52 -14.02 9.17
C PHE A 118 -35.68 -15.19 10.12
N SER A 119 -34.70 -16.09 10.17
CA SER A 119 -34.71 -17.21 11.09
C SER A 119 -33.49 -17.23 12.01
N VAL A 120 -32.65 -16.20 11.97
CA VAL A 120 -31.46 -16.12 12.80
C VAL A 120 -31.78 -15.26 14.02
N PRO A 121 -31.68 -15.80 15.24
CA PRO A 121 -32.07 -15.03 16.42
C PRO A 121 -31.25 -13.76 16.59
N LEU A 122 -31.86 -12.78 17.24
CA LEU A 122 -31.24 -11.52 17.57
C LEU A 122 -30.84 -11.50 19.04
N ASP A 123 -29.80 -10.74 19.36
CA ASP A 123 -29.33 -10.64 20.74
C ASP A 123 -30.48 -10.26 21.67
N GLU A 124 -30.65 -11.05 22.74
CA GLU A 124 -31.78 -10.87 23.65
C GLU A 124 -31.80 -9.47 24.27
N ASP A 125 -30.64 -8.89 24.52
CA ASP A 125 -30.56 -7.57 25.12
C ASP A 125 -30.68 -6.44 24.10
N PHE A 126 -30.78 -6.77 22.81
CA PHE A 126 -30.90 -5.75 21.77
C PHE A 126 -32.28 -5.65 21.17
N ARG A 127 -33.15 -6.64 21.41
CA ARG A 127 -34.49 -6.63 20.82
C ARG A 127 -35.30 -5.42 21.28
N LYS A 128 -35.05 -4.91 22.49
CA LYS A 128 -35.81 -3.77 22.99
C LYS A 128 -35.60 -2.52 22.16
N TYR A 129 -34.51 -2.44 21.39
CA TYR A 129 -34.27 -1.28 20.56
C TYR A 129 -34.87 -1.39 19.17
N THR A 130 -35.43 -2.54 18.82
CA THR A 130 -36.07 -2.71 17.53
C THR A 130 -37.57 -2.51 17.59
N ALA A 131 -38.06 -1.86 18.64
CA ALA A 131 -39.50 -1.72 18.82
C ALA A 131 -40.10 -0.84 17.73
N PHE A 132 -41.32 -1.19 17.31
CA PHE A 132 -42.06 -0.39 16.34
C PHE A 132 -43.54 -0.44 16.69
N THR A 133 -44.31 0.48 16.10
CA THR A 133 -45.71 0.68 16.46
C THR A 133 -46.58 0.63 15.21
N ILE A 134 -47.66 -0.15 15.27
CA ILE A 134 -48.69 -0.14 14.25
C ILE A 134 -49.77 0.84 14.69
N PRO A 135 -49.93 1.99 14.03
CA PRO A 135 -50.93 2.97 14.49
C PRO A 135 -52.34 2.40 14.39
N SER A 136 -53.17 2.72 15.36
CA SER A 136 -54.51 2.16 15.36
C SER A 136 -55.43 2.97 14.45
N ILE A 137 -56.57 2.36 14.12
CA ILE A 137 -57.57 3.02 13.30
C ILE A 137 -58.12 4.23 14.04
N ASN A 138 -58.13 5.38 13.37
CA ASN A 138 -58.62 6.65 13.92
C ASN A 138 -57.84 7.12 15.15
N ASN A 139 -56.73 6.45 15.48
CA ASN A 139 -55.90 6.82 16.62
C ASN A 139 -56.71 6.93 17.91
N GLU A 140 -57.64 5.99 18.10
CA GLU A 140 -58.49 5.98 19.28
C GLU A 140 -58.12 4.90 20.28
N THR A 141 -57.15 4.06 19.97
CA THR A 141 -56.55 3.10 20.87
C THR A 141 -55.05 3.21 20.68
N PRO A 142 -54.26 2.78 21.67
CA PRO A 142 -52.80 2.81 21.47
C PRO A 142 -52.37 1.80 20.42
N GLY A 143 -51.29 2.13 19.71
CA GLY A 143 -50.80 1.24 18.67
C GLY A 143 -50.34 -0.09 19.23
N ILE A 144 -50.40 -1.12 18.39
CA ILE A 144 -49.90 -2.44 18.74
C ILE A 144 -48.38 -2.40 18.73
N ARG A 145 -47.77 -2.58 19.90
CA ARG A 145 -46.32 -2.50 20.01
C ARG A 145 -45.68 -3.86 19.73
N TYR A 146 -44.55 -3.84 19.03
CA TYR A 146 -43.86 -5.05 18.60
C TYR A 146 -42.35 -4.85 18.73
N GLN A 147 -41.63 -5.95 18.92
CA GLN A 147 -40.18 -5.94 18.89
C GLN A 147 -39.70 -7.18 18.13
N TYR A 148 -38.55 -7.04 17.47
CA TYR A 148 -38.01 -8.12 16.67
C TYR A 148 -37.30 -9.13 17.55
N ASN A 149 -37.45 -10.41 17.22
CA ASN A 149 -36.71 -11.50 17.86
C ASN A 149 -35.62 -12.07 16.98
N VAL A 150 -35.71 -11.87 15.66
CA VAL A 150 -34.71 -12.35 14.71
C VAL A 150 -34.04 -11.15 14.08
N LEU A 151 -33.10 -11.41 13.17
CA LEU A 151 -32.41 -10.34 12.46
C LEU A 151 -33.39 -9.57 11.57
N PRO A 152 -33.63 -8.29 11.82
CA PRO A 152 -34.64 -7.56 11.03
C PRO A 152 -34.10 -7.16 9.66
N GLN A 153 -34.95 -7.30 8.65
CA GLN A 153 -34.60 -6.97 7.28
C GLN A 153 -34.34 -5.47 7.16
N GLY A 154 -33.09 -5.11 6.86
CA GLY A 154 -32.70 -3.72 6.75
C GLY A 154 -31.94 -3.15 7.92
N TRP A 155 -31.60 -3.97 8.91
CA TRP A 155 -30.82 -3.52 10.04
C TRP A 155 -29.33 -3.60 9.72
N LYS A 156 -28.56 -2.68 10.31
CA LYS A 156 -27.16 -2.55 9.97
C LYS A 156 -26.40 -3.86 10.14
N GLY A 157 -26.62 -4.55 11.26
CA GLY A 157 -25.87 -5.75 11.57
C GLY A 157 -26.36 -7.04 10.96
N SER A 158 -27.56 -7.04 10.37
CA SER A 158 -28.14 -8.29 9.89
C SER A 158 -27.31 -8.94 8.79
N PRO A 159 -26.83 -8.23 7.76
CA PRO A 159 -26.00 -8.92 6.75
C PRO A 159 -24.75 -9.57 7.33
N ALA A 160 -24.05 -8.91 8.25
CA ALA A 160 -22.83 -9.51 8.79
C ALA A 160 -23.14 -10.68 9.71
N ILE A 161 -24.12 -10.52 10.61
CA ILE A 161 -24.43 -11.59 11.55
C ILE A 161 -24.96 -12.82 10.81
N PHE A 162 -25.70 -12.62 9.74
CA PHE A 162 -26.23 -13.75 8.98
C PHE A 162 -25.10 -14.57 8.37
N GLN A 163 -24.16 -13.93 7.67
CA GLN A 163 -23.06 -14.67 7.05
C GLN A 163 -22.22 -15.37 8.10
N SER A 164 -21.92 -14.67 9.20
CA SER A 164 -21.20 -15.30 10.29
C SER A 164 -21.94 -16.53 10.82
N SER A 165 -23.25 -16.39 11.03
CA SER A 165 -24.03 -17.54 11.52
C SER A 165 -24.08 -18.65 10.49
N MET A 166 -24.20 -18.29 9.21
CA MET A 166 -24.22 -19.30 8.17
C MET A 166 -22.85 -19.96 8.02
N THR A 167 -21.77 -19.22 8.24
CA THR A 167 -20.44 -19.82 8.13
C THR A 167 -20.23 -20.88 9.20
N LYS A 168 -20.61 -20.59 10.45
CA LYS A 168 -20.42 -21.56 11.53
C LYS A 168 -21.23 -22.83 11.27
N ILE A 169 -22.39 -22.70 10.63
CA ILE A 169 -23.20 -23.85 10.30
C ILE A 169 -22.54 -24.69 9.22
N LEU A 170 -21.97 -24.04 8.20
CA LEU A 170 -21.41 -24.76 7.06
C LEU A 170 -19.99 -25.29 7.31
N GLU A 171 -19.38 -24.94 8.45
CA GLU A 171 -18.01 -25.40 8.72
C GLU A 171 -17.90 -26.91 8.85
N PRO A 172 -18.69 -27.60 9.68
CA PRO A 172 -18.53 -29.07 9.77
C PRO A 172 -18.75 -29.79 8.45
N PHE A 173 -19.67 -29.33 7.61
CA PHE A 173 -19.88 -30.00 6.33
C PHE A 173 -18.67 -29.83 5.41
N ALA A 174 -18.18 -28.60 5.26
CA ALA A 174 -17.05 -28.37 4.37
C ALA A 174 -15.81 -29.14 4.85
N ALA A 175 -15.61 -29.20 6.17
CA ALA A 175 -14.46 -29.91 6.72
C ALA A 175 -14.52 -31.39 6.37
N GLN A 176 -15.68 -32.02 6.54
CA GLN A 176 -15.85 -33.44 6.25
C GLN A 176 -16.17 -33.72 4.79
N ASN A 177 -16.09 -32.72 3.92
CA ASN A 177 -16.32 -32.89 2.49
C ASN A 177 -15.38 -31.95 1.75
N PRO A 178 -14.11 -32.34 1.63
CA PRO A 178 -13.16 -31.47 0.92
C PRO A 178 -13.37 -31.45 -0.59
N ASP A 179 -14.05 -32.45 -1.16
CA ASP A 179 -14.39 -32.44 -2.58
C ASP A 179 -15.57 -31.52 -2.90
N ILE A 180 -16.06 -30.79 -1.90
CA ILE A 180 -17.19 -29.88 -2.06
C ILE A 180 -16.69 -28.47 -1.80
N VAL A 181 -16.96 -27.56 -2.73
CA VAL A 181 -16.62 -26.16 -2.56
C VAL A 181 -17.93 -25.40 -2.44
N ILE A 182 -18.05 -24.60 -1.37
CA ILE A 182 -19.26 -23.84 -1.06
C ILE A 182 -18.89 -22.37 -1.00
N TYR A 183 -19.73 -21.54 -1.62
CA TYR A 183 -19.58 -20.08 -1.55
C TYR A 183 -20.92 -19.48 -1.14
N GLN A 184 -20.88 -18.61 -0.14
CA GLN A 184 -22.09 -17.99 0.40
C GLN A 184 -22.13 -16.53 0.00
N TYR A 185 -23.33 -16.04 -0.29
CA TYR A 185 -23.53 -14.66 -0.74
C TYR A 185 -25.01 -14.36 -0.59
N MET A 186 -25.34 -13.38 0.25
CA MET A 186 -26.73 -13.02 0.59
C MET A 186 -27.49 -14.32 0.92
N ASP A 187 -28.63 -14.58 0.29
CA ASP A 187 -29.42 -15.78 0.57
C ASP A 187 -29.16 -16.89 -0.43
N ASP A 188 -27.98 -16.93 -1.04
CA ASP A 188 -27.65 -17.94 -2.04
C ASP A 188 -26.44 -18.74 -1.59
N LEU A 189 -26.49 -20.05 -1.83
CA LEU A 189 -25.37 -20.95 -1.57
C LEU A 189 -24.95 -21.57 -2.89
N TYR A 190 -23.71 -21.32 -3.29
CA TYR A 190 -23.14 -21.84 -4.54
C TYR A 190 -22.28 -23.05 -4.19
N VAL A 191 -22.74 -24.24 -4.58
CA VAL A 191 -22.07 -25.48 -4.23
C VAL A 191 -21.63 -26.16 -5.52
N GLY A 192 -20.32 -26.34 -5.67
CA GLY A 192 -19.76 -26.99 -6.84
C GLY A 192 -18.86 -28.14 -6.45
N SER A 193 -18.58 -29.00 -7.41
CA SER A 193 -17.74 -30.16 -7.17
C SER A 193 -17.14 -30.61 -8.50
N ASP A 194 -16.07 -31.40 -8.39
CA ASP A 194 -15.33 -31.89 -9.55
C ASP A 194 -15.59 -33.37 -9.83
N LEU A 195 -16.69 -33.90 -9.30
CA LEU A 195 -17.05 -35.31 -9.42
C LEU A 195 -18.29 -35.49 -10.31
N GLU A 196 -18.75 -36.74 -10.37
CA GLU A 196 -19.84 -37.12 -11.25
C GLU A 196 -21.17 -36.62 -10.70
N ILE A 197 -22.09 -36.30 -11.61
CA ILE A 197 -23.33 -35.63 -11.23
C ILE A 197 -24.15 -36.47 -10.25
N GLY A 198 -24.05 -37.80 -10.32
CA GLY A 198 -24.82 -38.64 -9.40
C GLY A 198 -24.38 -38.47 -7.96
N GLN A 199 -23.08 -38.42 -7.72
CA GLN A 199 -22.56 -38.11 -6.40
C GLN A 199 -22.72 -36.64 -6.02
N HIS A 200 -23.14 -35.78 -6.95
CA HIS A 200 -23.30 -34.36 -6.68
C HIS A 200 -24.63 -34.08 -5.99
N ARG A 201 -25.73 -34.51 -6.61
CA ARG A 201 -27.05 -34.29 -6.02
C ARG A 201 -27.24 -35.06 -4.72
N THR A 202 -26.49 -36.14 -4.51
CA THR A 202 -26.55 -36.83 -3.23
C THR A 202 -25.92 -35.99 -2.13
N LYS A 203 -24.71 -35.47 -2.38
CA LYS A 203 -24.07 -34.58 -1.42
C LYS A 203 -24.83 -33.27 -1.29
N ILE A 204 -25.49 -32.83 -2.37
CA ILE A 204 -26.37 -31.66 -2.28
C ILE A 204 -27.50 -31.94 -1.28
N GLU A 205 -28.10 -33.13 -1.38
CA GLU A 205 -29.17 -33.51 -0.46
C GLU A 205 -28.64 -33.60 0.97
N GLU A 206 -27.40 -34.07 1.15
CA GLU A 206 -26.80 -34.10 2.48
C GLU A 206 -26.71 -32.71 3.07
N LEU A 207 -26.40 -31.70 2.26
CA LEU A 207 -26.35 -30.33 2.74
C LEU A 207 -27.74 -29.83 3.16
N ARG A 208 -28.79 -30.34 2.51
CA ARG A 208 -30.15 -29.94 2.88
C ARG A 208 -30.51 -30.46 4.26
N GLN A 209 -30.22 -31.73 4.55
CA GLN A 209 -30.50 -32.27 5.87
C GLN A 209 -29.64 -31.58 6.93
N HIS A 210 -28.38 -31.28 6.59
CA HIS A 210 -27.51 -30.58 7.53
C HIS A 210 -28.07 -29.21 7.87
N LEU A 211 -28.67 -28.53 6.89
CA LEU A 211 -29.28 -27.24 7.14
C LEU A 211 -30.61 -27.37 7.87
N LEU A 212 -31.30 -28.50 7.69
CA LEU A 212 -32.57 -28.69 8.36
C LEU A 212 -32.41 -28.80 9.87
N ARG A 213 -31.22 -29.22 10.34
CA ARG A 213 -30.98 -29.32 11.78
C ARG A 213 -31.10 -27.97 12.47
N TRP A 214 -30.78 -26.89 11.78
CA TRP A 214 -30.93 -25.55 12.32
C TRP A 214 -32.21 -24.89 11.88
N GLY A 215 -33.15 -25.65 11.31
CA GLY A 215 -34.44 -25.12 10.92
C GLY A 215 -34.45 -24.36 9.61
N LEU A 216 -33.45 -24.56 8.76
CA LEU A 216 -33.32 -23.82 7.51
C LEU A 216 -33.66 -24.76 6.36
N THR A 217 -34.80 -24.50 5.71
CA THR A 217 -35.24 -25.31 4.58
C THR A 217 -35.06 -24.53 3.28
N THR A 218 -34.56 -25.22 2.27
CA THR A 218 -34.32 -24.66 0.96
C THR A 218 -35.11 -25.43 -0.09
N PRO A 219 -35.51 -24.77 -1.18
CA PRO A 219 -36.37 -25.44 -2.18
C PRO A 219 -35.76 -26.73 -2.70
N ASP A 220 -36.61 -27.74 -2.86
CA ASP A 220 -36.21 -29.06 -3.34
C ASP A 220 -36.39 -29.21 -4.84
N LYS A 221 -37.48 -28.65 -5.39
CA LYS A 221 -37.73 -28.73 -6.82
C LYS A 221 -36.61 -28.05 -7.61
N LYS A 222 -36.54 -28.37 -8.89
CA LYS A 222 -35.44 -27.89 -9.72
C LYS A 222 -35.43 -26.37 -9.77
N HIS A 223 -34.33 -25.78 -9.30
CA HIS A 223 -34.23 -24.32 -9.24
C HIS A 223 -34.31 -23.71 -10.63
N GLN A 224 -34.86 -22.50 -10.70
CA GLN A 224 -34.98 -21.78 -11.97
C GLN A 224 -33.70 -21.03 -12.35
N LYS A 225 -32.56 -21.35 -11.73
CA LYS A 225 -31.29 -20.63 -11.88
C LYS A 225 -30.19 -21.67 -12.04
N GLU A 226 -29.94 -21.93 -13.27
CA GLU A 226 -28.98 -22.81 -13.82
C GLU A 226 -28.03 -21.99 -14.66
N PRO A 227 -26.78 -22.48 -14.87
CA PRO A 227 -25.84 -21.81 -15.75
C PRO A 227 -26.52 -21.50 -17.09
N PRO A 228 -26.36 -20.24 -17.56
CA PRO A 228 -25.60 -19.27 -16.73
C PRO A 228 -26.43 -18.52 -15.67
N PHE A 229 -25.72 -18.08 -14.63
CA PHE A 229 -26.29 -17.23 -13.59
C PHE A 229 -26.23 -15.76 -13.97
N LEU A 230 -27.04 -14.96 -13.28
CA LEU A 230 -26.98 -13.50 -13.37
C LEU A 230 -26.53 -13.00 -12.00
N TRP A 231 -25.22 -12.95 -11.80
CA TRP A 231 -24.63 -12.65 -10.49
C TRP A 231 -23.68 -11.48 -10.62
N MET A 232 -24.06 -10.34 -10.01
CA MET A 232 -23.18 -9.17 -9.91
C MET A 232 -22.71 -8.67 -11.26
N GLY A 233 -23.58 -8.75 -12.27
CA GLY A 233 -23.27 -8.21 -13.58
C GLY A 233 -22.59 -9.16 -14.54
N TYR A 234 -22.24 -10.37 -14.11
CA TYR A 234 -21.61 -11.34 -15.00
C TYR A 234 -22.63 -12.38 -15.46
N GLU A 235 -22.18 -13.21 -16.40
CA GLU A 235 -22.91 -14.39 -16.85
C GLU A 235 -22.02 -15.61 -16.60
N LEU A 236 -22.47 -16.49 -15.71
CA LEU A 236 -21.63 -17.61 -15.25
C LEU A 236 -22.09 -18.91 -15.91
N HIS A 237 -21.63 -19.10 -17.14
CA HIS A 237 -21.82 -20.35 -17.85
C HIS A 237 -20.98 -21.45 -17.19
N PRO A 238 -21.26 -22.73 -17.49
CA PRO A 238 -20.53 -23.79 -16.79
C PRO A 238 -19.05 -23.86 -17.16
N ASP A 239 -18.70 -23.45 -18.39
CA ASP A 239 -17.34 -23.50 -18.91
C ASP A 239 -16.71 -22.14 -19.17
N LYS A 240 -17.49 -21.07 -19.23
CA LYS A 240 -16.94 -19.76 -19.54
C LYS A 240 -17.73 -18.70 -18.79
N TRP A 241 -17.20 -17.48 -18.81
CA TRP A 241 -17.84 -16.36 -18.15
C TRP A 241 -17.66 -15.12 -19.02
N THR A 242 -18.59 -14.18 -18.86
CA THR A 242 -18.48 -12.88 -19.51
C THR A 242 -19.33 -11.89 -18.72
N VAL A 243 -19.27 -10.62 -19.14
CA VAL A 243 -20.14 -9.62 -18.54
C VAL A 243 -21.54 -9.73 -19.14
N GLN A 244 -22.53 -9.24 -18.41
CA GLN A 244 -23.87 -9.18 -18.96
C GLN A 244 -23.86 -8.27 -20.17
N PRO A 245 -24.35 -8.72 -21.32
CA PRO A 245 -24.24 -7.93 -22.55
C PRO A 245 -24.72 -6.50 -22.35
N ILE A 246 -23.86 -5.55 -22.70
CA ILE A 246 -24.13 -4.13 -22.56
C ILE A 246 -24.24 -3.56 -23.96
N VAL A 247 -25.47 -3.30 -24.41
CA VAL A 247 -25.71 -2.64 -25.67
C VAL A 247 -25.62 -1.14 -25.45
N LEU A 248 -24.40 -0.61 -25.40
CA LEU A 248 -24.21 0.81 -25.16
C LEU A 248 -24.84 1.60 -26.30
N PRO A 249 -25.71 2.56 -26.02
CA PRO A 249 -26.55 3.15 -27.05
C PRO A 249 -25.85 4.29 -27.80
N GLU A 250 -26.47 4.69 -28.90
CA GLU A 250 -26.09 5.87 -29.65
C GLU A 250 -26.96 7.05 -29.22
N LYS A 251 -26.41 8.24 -29.29
CA LYS A 251 -27.11 9.44 -28.85
C LYS A 251 -26.66 10.63 -29.69
N ASP A 252 -27.61 11.54 -29.93
CA ASP A 252 -27.30 12.76 -30.69
C ASP A 252 -26.63 13.80 -29.80
N SER A 253 -27.22 14.08 -28.63
CA SER A 253 -26.70 15.08 -27.71
C SER A 253 -26.45 14.41 -26.36
N TRP A 254 -25.18 14.10 -26.08
CA TRP A 254 -24.78 13.50 -24.82
C TRP A 254 -24.59 14.58 -23.76
N THR A 255 -25.07 14.31 -22.55
CA THR A 255 -24.98 15.25 -21.45
C THR A 255 -24.04 14.71 -20.38
N VAL A 256 -24.12 15.27 -19.17
CA VAL A 256 -23.26 14.85 -18.07
C VAL A 256 -23.64 13.45 -17.59
N ASN A 257 -24.94 13.26 -17.30
CA ASN A 257 -25.39 11.96 -16.81
C ASN A 257 -25.40 10.90 -17.91
N ASP A 258 -25.48 11.31 -19.18
CA ASP A 258 -25.46 10.35 -20.27
C ASP A 258 -24.06 9.81 -20.54
N ILE A 259 -23.02 10.58 -20.27
CA ILE A 259 -21.66 10.09 -20.44
C ILE A 259 -21.16 9.39 -19.17
N GLN A 260 -21.70 9.74 -18.01
CA GLN A 260 -21.35 9.00 -16.80
C GLN A 260 -22.01 7.62 -16.78
N LYS A 261 -23.18 7.49 -17.40
CA LYS A 261 -23.73 6.16 -17.66
C LYS A 261 -22.83 5.40 -18.63
N LEU A 262 -22.21 6.11 -19.57
CA LEU A 262 -21.27 5.49 -20.49
C LEU A 262 -19.98 5.10 -19.77
N VAL A 263 -19.37 6.06 -19.05
CA VAL A 263 -18.08 5.83 -18.39
C VAL A 263 -18.14 4.61 -17.49
N GLY A 264 -19.19 4.51 -16.68
CA GLY A 264 -19.31 3.36 -15.79
C GLY A 264 -19.48 2.05 -16.53
N LYS A 265 -20.26 2.05 -17.61
CA LYS A 265 -20.57 0.80 -18.29
C LYS A 265 -19.41 0.30 -19.15
N LEU A 266 -18.52 1.19 -19.61
CA LEU A 266 -17.38 0.72 -20.40
C LEU A 266 -16.29 0.14 -19.50
N ASN A 267 -16.03 0.76 -18.35
CA ASN A 267 -15.03 0.23 -17.44
C ASN A 267 -15.42 -1.15 -16.93
N TRP A 268 -16.72 -1.41 -16.82
CA TRP A 268 -17.19 -2.74 -16.43
C TRP A 268 -16.89 -3.76 -17.52
N ALA A 269 -17.10 -3.38 -18.79
CA ALA A 269 -16.87 -4.31 -19.88
C ALA A 269 -15.39 -4.52 -20.19
N SER A 270 -14.51 -3.64 -19.70
CA SER A 270 -13.09 -3.72 -20.00
C SER A 270 -12.38 -4.86 -19.26
N GLN A 271 -13.06 -5.55 -18.35
CA GLN A 271 -12.45 -6.70 -17.67
C GLN A 271 -12.48 -7.98 -18.51
N ILE A 272 -13.15 -7.99 -19.66
CA ILE A 272 -13.17 -9.16 -20.52
C ILE A 272 -13.00 -8.76 -21.99
N TYR A 273 -13.35 -7.52 -22.30
CA TYR A 273 -13.24 -7.03 -23.67
C TYR A 273 -11.88 -6.36 -23.85
N PRO A 274 -11.01 -6.89 -24.71
CA PRO A 274 -9.65 -6.33 -24.82
C PRO A 274 -9.63 -5.03 -25.61
N GLY A 275 -8.84 -4.08 -25.13
CA GLY A 275 -8.60 -2.85 -25.86
C GLY A 275 -9.66 -1.77 -25.69
N ILE A 276 -10.36 -1.78 -24.56
CA ILE A 276 -11.38 -0.76 -24.30
C ILE A 276 -10.68 0.52 -23.85
N LYS A 277 -11.08 1.65 -24.43
CA LYS A 277 -10.54 2.97 -24.09
C LYS A 277 -11.69 3.89 -23.73
N VAL A 278 -11.52 4.69 -22.67
CA VAL A 278 -12.61 5.55 -22.19
C VAL A 278 -12.10 6.93 -21.80
N ARG A 279 -10.79 7.19 -21.95
CA ARG A 279 -10.23 8.43 -21.43
C ARG A 279 -10.79 9.65 -22.16
N GLN A 280 -10.84 9.59 -23.50
CA GLN A 280 -11.34 10.73 -24.26
C GLN A 280 -12.79 11.03 -23.91
N LEU A 281 -13.55 10.03 -23.48
CA LEU A 281 -14.89 10.25 -22.96
C LEU A 281 -14.85 10.75 -21.52
N SER A 282 -13.95 10.21 -20.70
CA SER A 282 -13.78 10.69 -19.34
C SER A 282 -13.06 12.03 -19.28
N LYS A 283 -12.45 12.47 -20.38
CA LYS A 283 -11.88 13.80 -20.45
C LYS A 283 -12.93 14.89 -20.41
N LEU A 284 -14.19 14.55 -20.71
CA LEU A 284 -15.31 15.49 -20.70
C LEU A 284 -15.93 15.64 -19.31
N LEU A 285 -15.17 15.39 -18.25
CA LEU A 285 -15.68 15.48 -16.88
C LEU A 285 -14.63 16.19 -16.03
N ARG A 286 -14.80 17.50 -15.88
CA ARG A 286 -13.91 18.29 -15.04
C ARG A 286 -14.68 19.48 -14.48
N GLY A 287 -14.37 19.83 -13.23
CA GLY A 287 -15.04 20.93 -12.57
C GLY A 287 -16.16 20.49 -11.65
N THR A 288 -17.24 21.27 -11.61
CA THR A 288 -18.39 20.91 -10.80
C THR A 288 -19.26 19.89 -11.53
N LYS A 289 -20.11 19.21 -10.75
CA LYS A 289 -20.98 18.16 -11.28
C LYS A 289 -22.36 18.77 -11.54
N ALA A 290 -22.45 19.55 -12.62
CA ALA A 290 -23.68 20.24 -13.00
C ALA A 290 -24.56 19.30 -13.81
N LEU A 291 -25.73 18.96 -13.25
CA LEU A 291 -26.68 18.10 -13.94
C LEU A 291 -27.49 18.84 -15.01
N THR A 292 -27.37 20.16 -15.08
CA THR A 292 -28.06 20.95 -16.10
C THR A 292 -27.15 21.36 -17.24
N GLU A 293 -26.03 20.67 -17.43
CA GLU A 293 -25.04 20.99 -18.47
C GLU A 293 -25.00 19.84 -19.47
N VAL A 294 -25.46 20.10 -20.68
CA VAL A 294 -25.36 19.14 -21.79
C VAL A 294 -24.14 19.57 -22.60
N ILE A 295 -22.98 19.05 -22.21
CA ILE A 295 -21.73 19.50 -22.81
C ILE A 295 -21.63 18.97 -24.24
N PRO A 296 -21.15 19.77 -25.20
CA PRO A 296 -20.87 19.23 -26.54
C PRO A 296 -19.84 18.11 -26.47
N LEU A 297 -19.76 17.37 -27.57
CA LEU A 297 -18.85 16.24 -27.67
C LEU A 297 -17.54 16.64 -28.35
N THR A 298 -16.51 15.84 -28.10
CA THR A 298 -15.22 16.02 -28.74
C THR A 298 -15.09 15.10 -29.93
N GLU A 299 -14.44 15.57 -30.99
CA GLU A 299 -14.23 14.73 -32.17
C GLU A 299 -13.33 13.55 -31.84
N GLU A 300 -12.35 13.76 -30.97
CA GLU A 300 -11.49 12.68 -30.51
C GLU A 300 -12.16 11.78 -29.47
N ALA A 301 -13.45 11.97 -29.21
CA ALA A 301 -14.21 11.10 -28.34
C ALA A 301 -15.21 10.22 -29.10
N GLU A 302 -15.60 10.61 -30.31
CA GLU A 302 -16.51 9.81 -31.13
C GLU A 302 -15.78 8.76 -31.96
N LEU A 303 -14.60 9.10 -32.50
CA LEU A 303 -13.82 8.13 -33.25
C LEU A 303 -13.29 7.02 -32.34
N GLU A 304 -12.95 7.36 -31.09
CA GLU A 304 -12.57 6.35 -30.12
C GLU A 304 -13.78 5.60 -29.59
N LEU A 305 -14.92 6.28 -29.48
CA LEU A 305 -16.19 5.59 -29.25
C LEU A 305 -16.42 4.56 -30.34
N ALA A 306 -16.35 4.98 -31.60
CA ALA A 306 -16.52 4.05 -32.73
C ALA A 306 -15.54 2.89 -32.69
N GLU A 307 -14.43 3.02 -31.94
CA GLU A 307 -13.52 1.89 -31.77
C GLU A 307 -14.03 0.91 -30.71
N ASN A 308 -14.71 1.42 -29.67
CA ASN A 308 -15.27 0.55 -28.64
C ASN A 308 -16.33 -0.38 -29.18
N ARG A 309 -16.91 -0.07 -30.35
CA ARG A 309 -18.02 -0.87 -30.86
C ARG A 309 -17.52 -2.14 -31.54
N GLU A 310 -16.38 -2.08 -32.20
CA GLU A 310 -15.82 -3.26 -32.86
C GLU A 310 -15.47 -4.33 -31.84
N ILE A 311 -15.18 -3.95 -30.61
CA ILE A 311 -14.95 -4.93 -29.55
C ILE A 311 -16.27 -5.38 -28.92
N LEU A 312 -17.23 -4.45 -28.76
CA LEU A 312 -18.51 -4.77 -28.13
C LEU A 312 -19.53 -5.35 -29.10
N LYS A 313 -19.16 -5.58 -30.36
CA LYS A 313 -20.09 -6.17 -31.31
C LYS A 313 -20.16 -7.69 -31.14
N GLU A 314 -19.02 -8.36 -31.18
CA GLU A 314 -19.03 -9.81 -31.02
C GLU A 314 -18.85 -10.17 -29.54
N PRO A 315 -19.54 -11.21 -29.06
CA PRO A 315 -19.38 -11.61 -27.66
C PRO A 315 -18.03 -12.29 -27.46
N VAL A 316 -17.30 -11.84 -26.44
CA VAL A 316 -16.03 -12.43 -26.04
C VAL A 316 -16.18 -12.98 -24.63
N HIS A 317 -15.71 -14.21 -24.42
CA HIS A 317 -15.84 -14.90 -23.16
C HIS A 317 -14.48 -15.10 -22.51
N GLY A 318 -14.50 -15.28 -21.19
CA GLY A 318 -13.31 -15.67 -20.44
C GLY A 318 -13.44 -17.09 -19.95
N VAL A 319 -12.29 -17.73 -19.69
CA VAL A 319 -12.26 -19.07 -19.14
C VAL A 319 -12.10 -19.02 -17.62
N TYR A 320 -12.07 -20.19 -16.99
CA TYR A 320 -11.91 -20.30 -15.54
C TYR A 320 -10.47 -20.68 -15.22
N TYR A 321 -10.14 -20.57 -13.93
CA TYR A 321 -8.77 -20.71 -13.49
C TYR A 321 -8.40 -22.18 -13.36
N ASP A 322 -7.28 -22.55 -13.98
CA ASP A 322 -6.72 -23.88 -13.83
C ASP A 322 -5.40 -23.79 -13.07
N PRO A 323 -5.35 -24.19 -11.79
CA PRO A 323 -4.14 -23.96 -11.00
C PRO A 323 -2.93 -24.76 -11.47
N SER A 324 -3.10 -25.70 -12.41
CA SER A 324 -1.97 -26.52 -12.84
C SER A 324 -1.18 -25.89 -13.98
N LYS A 325 -1.68 -24.80 -14.55
CA LYS A 325 -1.01 -24.11 -15.64
C LYS A 325 -0.57 -22.71 -15.19
N ASP A 326 0.53 -22.25 -15.75
CA ASP A 326 1.08 -20.96 -15.36
C ASP A 326 0.08 -19.84 -15.66
N LEU A 327 0.26 -18.72 -14.97
CA LEU A 327 -0.56 -17.53 -15.14
C LEU A 327 0.26 -16.49 -15.89
N ILE A 328 -0.26 -16.03 -17.04
CA ILE A 328 0.46 -15.08 -17.89
C ILE A 328 -0.32 -13.78 -17.96
N ALA A 329 0.42 -12.67 -18.09
CA ALA A 329 -0.17 -11.35 -18.25
C ALA A 329 0.60 -10.58 -19.29
N GLU A 330 -0.10 -10.11 -20.33
CA GLU A 330 0.49 -9.33 -21.42
C GLU A 330 -0.03 -7.90 -21.38
N ILE A 331 0.85 -6.97 -21.74
CA ILE A 331 0.56 -5.54 -21.71
C ILE A 331 0.86 -4.94 -23.08
N GLN A 332 0.03 -3.99 -23.52
CA GLN A 332 0.25 -3.24 -24.74
C GLN A 332 0.07 -1.76 -24.45
N LYS A 333 0.94 -0.95 -25.03
CA LYS A 333 0.80 0.50 -24.96
C LYS A 333 -0.20 0.94 -26.02
N GLN A 334 -1.15 1.79 -25.62
CA GLN A 334 -2.17 2.26 -26.53
C GLN A 334 -2.08 3.74 -26.85
N GLY A 335 -1.20 4.47 -26.19
CA GLY A 335 -1.04 5.88 -26.51
C GLY A 335 -1.79 6.77 -25.55
N GLN A 336 -1.22 7.96 -25.33
CA GLN A 336 -1.79 8.98 -24.43
C GLN A 336 -2.04 8.40 -23.04
N GLY A 337 -1.04 7.69 -22.51
CA GLY A 337 -1.14 7.13 -21.19
C GLY A 337 -2.05 5.93 -21.07
N GLN A 338 -2.40 5.29 -22.18
CA GLN A 338 -3.30 4.15 -22.18
C GLN A 338 -2.53 2.85 -22.23
N TRP A 339 -2.87 1.93 -21.33
CA TRP A 339 -2.32 0.60 -21.36
C TRP A 339 -3.47 -0.39 -21.22
N THR A 340 -3.40 -1.47 -21.97
CA THR A 340 -4.38 -2.54 -21.88
C THR A 340 -3.65 -3.85 -21.55
N TYR A 341 -4.34 -4.76 -20.87
CA TYR A 341 -3.70 -6.03 -20.52
C TYR A 341 -4.67 -7.19 -20.64
N GLN A 342 -4.09 -8.38 -20.83
CA GLN A 342 -4.82 -9.62 -20.87
C GLN A 342 -4.10 -10.61 -19.97
N ILE A 343 -4.86 -11.30 -19.11
CA ILE A 343 -4.35 -12.36 -18.26
C ILE A 343 -4.91 -13.68 -18.75
N TYR A 344 -4.03 -14.65 -18.98
CA TYR A 344 -4.41 -15.89 -19.63
C TYR A 344 -3.45 -17.00 -19.23
N GLN A 345 -3.81 -18.23 -19.57
CA GLN A 345 -2.99 -19.41 -19.28
C GLN A 345 -2.64 -20.21 -20.51
N GLU A 346 -3.48 -20.17 -21.52
CA GLU A 346 -3.22 -20.78 -22.82
C GLU A 346 -3.54 -19.75 -23.89
N PRO A 347 -2.93 -19.87 -25.06
CA PRO A 347 -3.14 -18.86 -26.11
C PRO A 347 -4.62 -18.75 -26.51
N PHE A 348 -4.96 -17.58 -27.04
CA PHE A 348 -6.25 -17.30 -27.67
C PHE A 348 -7.39 -17.09 -26.67
N LYS A 349 -7.39 -17.82 -25.55
CA LYS A 349 -8.46 -17.71 -24.55
C LYS A 349 -7.95 -16.95 -23.34
N ASN A 350 -8.71 -15.93 -22.92
CA ASN A 350 -8.32 -15.11 -21.78
C ASN A 350 -9.11 -15.51 -20.54
N LEU A 351 -8.50 -15.30 -19.37
CA LEU A 351 -9.24 -15.35 -18.12
C LEU A 351 -9.93 -14.02 -17.84
N LYS A 352 -9.24 -12.92 -18.09
CA LYS A 352 -9.78 -11.58 -17.92
C LYS A 352 -8.84 -10.60 -18.62
N THR A 353 -9.38 -9.43 -18.91
CA THR A 353 -8.62 -8.34 -19.52
C THR A 353 -8.71 -7.12 -18.61
N GLY A 354 -8.24 -5.98 -19.10
CA GLY A 354 -8.31 -4.77 -18.31
C GLY A 354 -7.45 -3.68 -18.89
N LYS A 355 -7.49 -2.53 -18.22
CA LYS A 355 -6.81 -1.33 -18.69
C LYS A 355 -6.18 -0.59 -17.51
N TYR A 356 -5.20 0.25 -17.83
CA TYR A 356 -4.57 1.11 -16.84
C TYR A 356 -4.42 2.51 -17.39
N ALA A 357 -4.75 3.51 -16.57
CA ALA A 357 -4.65 4.91 -16.94
C ALA A 357 -3.50 5.57 -16.19
N ARG A 358 -2.66 6.30 -16.92
CA ARG A 358 -1.52 6.96 -16.32
C ARG A 358 -1.98 7.96 -15.26
N MET A 359 -1.19 8.09 -14.20
CA MET A 359 -1.51 9.04 -13.15
C MET A 359 -1.38 10.48 -13.66
N ARG A 360 -2.28 11.34 -13.20
CA ARG A 360 -2.19 12.76 -13.52
C ARG A 360 -0.88 13.34 -12.99
N GLY A 361 0.06 13.62 -13.89
CA GLY A 361 1.33 14.21 -13.50
C GLY A 361 1.80 15.23 -14.52
N ALA A 362 2.84 15.97 -14.13
CA ALA A 362 3.40 17.01 -14.99
C ALA A 362 4.29 16.42 -16.08
N HIS A 363 5.21 15.54 -15.71
CA HIS A 363 6.09 14.87 -16.66
C HIS A 363 6.05 13.38 -16.38
N THR A 364 6.31 12.59 -17.43
CA THR A 364 6.19 11.15 -17.33
C THR A 364 6.99 10.52 -18.45
N ASN A 365 7.15 9.18 -18.37
CA ASN A 365 7.65 8.42 -19.51
C ASN A 365 7.03 7.03 -19.51
N ASP A 366 7.15 6.35 -20.66
CA ASP A 366 6.52 5.06 -20.86
C ASP A 366 7.04 4.00 -19.90
N VAL A 367 8.31 4.07 -19.51
CA VAL A 367 8.86 3.03 -18.64
C VAL A 367 8.22 3.10 -17.26
N LYS A 368 8.09 4.31 -16.72
CA LYS A 368 7.38 4.49 -15.47
C LYS A 368 5.96 3.96 -15.57
N GLN A 369 5.24 4.31 -16.64
CA GLN A 369 3.85 3.90 -16.75
C GLN A 369 3.73 2.39 -16.86
N LEU A 370 4.62 1.76 -17.61
CA LEU A 370 4.61 0.30 -17.70
C LEU A 370 4.84 -0.33 -16.33
N THR A 371 5.76 0.24 -15.54
CA THR A 371 6.04 -0.27 -14.20
C THR A 371 4.79 -0.21 -13.33
N GLU A 372 4.15 0.97 -13.27
CA GLU A 372 2.97 1.11 -12.42
C GLU A 372 1.88 0.13 -12.85
N ALA A 373 1.71 -0.07 -14.16
CA ALA A 373 0.71 -1.04 -14.63
C ALA A 373 1.04 -2.46 -14.17
N VAL A 374 2.33 -2.81 -14.18
CA VAL A 374 2.74 -4.11 -13.69
C VAL A 374 2.39 -4.27 -12.20
N GLN A 375 2.67 -3.23 -11.40
CA GLN A 375 2.30 -3.33 -9.99
C GLN A 375 0.79 -3.49 -9.84
N LYS A 376 0.00 -2.78 -10.66
CA LYS A 376 -1.44 -2.91 -10.58
C LYS A 376 -1.88 -4.32 -10.92
N ILE A 377 -1.46 -4.83 -12.07
CA ILE A 377 -1.80 -6.20 -12.45
C ILE A 377 -1.32 -7.18 -11.38
N THR A 378 -0.18 -6.92 -10.74
CA THR A 378 0.32 -7.82 -9.72
C THR A 378 -0.58 -7.84 -8.49
N THR A 379 -1.00 -6.67 -8.00
CA THR A 379 -1.88 -6.62 -6.84
C THR A 379 -3.25 -7.22 -7.13
N GLU A 380 -3.76 -7.02 -8.35
CA GLU A 380 -5.07 -7.57 -8.68
C GLU A 380 -5.00 -9.09 -8.83
N SER A 381 -3.88 -9.59 -9.37
CA SER A 381 -3.73 -11.03 -9.53
C SER A 381 -3.63 -11.73 -8.18
N ILE A 382 -2.90 -11.15 -7.23
CA ILE A 382 -2.79 -11.78 -5.93
C ILE A 382 -4.15 -11.89 -5.28
N VAL A 383 -5.00 -10.87 -5.45
CA VAL A 383 -6.38 -10.93 -4.98
C VAL A 383 -7.10 -12.11 -5.60
N ILE A 384 -7.09 -12.18 -6.94
CA ILE A 384 -7.97 -13.08 -7.66
C ILE A 384 -7.45 -14.51 -7.66
N TRP A 385 -6.13 -14.70 -7.83
CA TRP A 385 -5.59 -16.04 -7.94
C TRP A 385 -4.57 -16.40 -6.87
N GLY A 386 -4.15 -15.44 -6.04
CA GLY A 386 -3.21 -15.76 -4.99
C GLY A 386 -1.78 -15.94 -5.45
N LYS A 387 -1.44 -15.45 -6.65
CA LYS A 387 -0.07 -15.53 -7.12
C LYS A 387 0.17 -14.44 -8.16
N THR A 388 1.41 -14.01 -8.26
CA THR A 388 1.86 -13.10 -9.31
C THR A 388 1.95 -13.84 -10.63
N PRO A 389 1.39 -13.30 -11.71
CA PRO A 389 1.55 -13.93 -13.03
C PRO A 389 2.91 -13.63 -13.63
N LYS A 390 3.26 -14.44 -14.62
CA LYS A 390 4.41 -14.15 -15.47
C LYS A 390 4.04 -13.11 -16.52
N PHE A 391 4.91 -12.14 -16.73
CA PHE A 391 4.61 -11.02 -17.60
C PHE A 391 5.27 -11.15 -18.97
N LYS A 392 4.52 -10.75 -20.00
CA LYS A 392 5.06 -10.54 -21.33
C LYS A 392 4.96 -9.06 -21.60
N LEU A 393 6.10 -8.41 -21.74
CA LEU A 393 6.08 -6.96 -21.83
C LEU A 393 6.71 -6.49 -23.14
N PRO A 394 6.22 -5.38 -23.72
CA PRO A 394 6.80 -4.84 -24.97
C PRO A 394 8.00 -3.92 -24.70
N ILE A 395 9.05 -4.49 -24.14
CA ILE A 395 10.24 -3.74 -23.80
C ILE A 395 11.40 -4.72 -23.80
N GLN A 396 12.50 -4.32 -24.43
CA GLN A 396 13.64 -5.21 -24.55
C GLN A 396 14.32 -5.38 -23.20
N LYS A 397 14.92 -6.55 -23.01
CA LYS A 397 15.61 -6.82 -21.76
C LYS A 397 16.73 -5.82 -21.52
N GLU A 398 17.46 -5.45 -22.59
CA GLU A 398 18.56 -4.50 -22.46
C GLU A 398 18.05 -3.11 -22.11
N THR A 399 16.92 -2.70 -22.68
CA THR A 399 16.32 -1.42 -22.35
C THR A 399 15.99 -1.34 -20.86
N TRP A 400 15.27 -2.35 -20.35
CA TRP A 400 14.92 -2.35 -18.94
C TRP A 400 16.16 -2.33 -18.06
N GLU A 401 17.20 -3.06 -18.47
CA GLU A 401 18.44 -3.10 -17.70
C GLU A 401 19.10 -1.71 -17.65
N THR A 402 19.16 -1.02 -18.78
CA THR A 402 19.72 0.32 -18.76
C THR A 402 18.86 1.26 -17.91
N TRP A 403 17.54 1.10 -17.97
CA TRP A 403 16.65 1.98 -17.19
C TRP A 403 16.85 1.77 -15.69
N TRP A 404 16.67 0.54 -15.19
CA TRP A 404 16.66 0.39 -13.74
C TRP A 404 18.04 0.60 -13.13
N THR A 405 19.13 0.28 -13.83
CA THR A 405 20.45 0.47 -13.25
C THR A 405 20.84 1.95 -13.18
N GLU A 406 20.29 2.80 -14.04
CA GLU A 406 20.63 4.23 -14.02
C GLU A 406 19.54 5.11 -13.45
N TYR A 407 18.35 4.56 -13.19
CA TYR A 407 17.29 5.38 -12.62
C TYR A 407 17.62 5.74 -11.18
N TRP A 408 17.27 6.98 -10.78
CA TRP A 408 17.64 7.44 -9.45
C TRP A 408 16.81 6.76 -8.36
N GLN A 409 15.59 6.35 -8.69
CA GLN A 409 14.79 5.58 -7.74
C GLN A 409 15.13 4.10 -7.82
N ALA A 410 14.86 3.38 -6.73
CA ALA A 410 14.80 1.93 -6.76
C ALA A 410 13.54 1.50 -7.51
N THR A 411 13.68 0.56 -8.43
CA THR A 411 12.51 0.05 -9.13
C THR A 411 12.71 -1.42 -9.48
N TRP A 412 11.60 -2.14 -9.64
CA TRP A 412 11.69 -3.57 -9.92
C TRP A 412 10.39 -4.06 -10.52
N ILE A 413 10.49 -5.01 -11.46
CA ILE A 413 9.30 -5.70 -11.95
C ILE A 413 9.51 -7.20 -11.80
N PRO A 414 8.46 -7.95 -11.48
CA PRO A 414 8.61 -9.40 -11.30
C PRO A 414 8.91 -10.09 -12.63
N GLU A 415 9.11 -11.41 -12.55
CA GLU A 415 9.55 -12.22 -13.67
C GLU A 415 8.76 -11.89 -14.93
N TRP A 416 9.47 -11.71 -16.03
CA TRP A 416 8.85 -11.22 -17.23
C TRP A 416 9.73 -11.58 -18.41
N GLU A 417 9.12 -11.54 -19.59
CA GLU A 417 9.82 -11.81 -20.84
C GLU A 417 9.37 -10.78 -21.86
N PHE A 418 10.22 -10.56 -22.85
CA PHE A 418 9.94 -9.58 -23.89
C PHE A 418 9.00 -10.18 -24.94
N VAL A 419 8.00 -9.42 -25.35
CA VAL A 419 7.13 -9.78 -26.48
C VAL A 419 7.24 -8.68 -27.54
N ASN A 420 7.63 -9.06 -28.76
CA ASN A 420 7.89 -8.08 -29.83
C ASN A 420 6.57 -7.65 -30.48
N THR A 421 5.81 -6.85 -29.76
CA THR A 421 4.52 -6.35 -30.25
C THR A 421 4.53 -4.83 -30.17
N PRO A 422 4.75 -4.15 -31.29
CA PRO A 422 4.86 -2.69 -31.26
C PRO A 422 3.53 -2.07 -30.86
N PRO A 423 3.53 -0.84 -30.32
CA PRO A 423 4.71 0.01 -30.14
C PRO A 423 5.58 -0.41 -28.95
N LEU A 424 6.88 -0.48 -29.18
CA LEU A 424 7.81 -0.90 -28.15
C LEU A 424 8.17 0.26 -27.24
N VAL A 425 8.20 -0.02 -25.94
CA VAL A 425 8.66 0.94 -24.96
C VAL A 425 10.18 1.00 -25.02
N LYS A 426 10.72 2.21 -25.21
CA LYS A 426 12.15 2.36 -25.37
C LYS A 426 12.62 3.56 -24.57
N LEU A 427 13.93 3.68 -24.45
CA LEU A 427 14.55 4.88 -23.92
C LEU A 427 14.83 5.81 -25.09
N TRP A 428 14.23 7.01 -25.06
CA TRP A 428 14.40 7.94 -26.17
C TRP A 428 15.71 8.69 -26.10
N TYR A 429 16.22 8.97 -24.90
CA TYR A 429 17.53 9.57 -24.74
C TYR A 429 18.16 9.07 -23.44
N GLN A 430 19.48 9.24 -23.34
CA GLN A 430 20.23 8.88 -22.14
C GLN A 430 21.36 9.89 -22.01
N LEU A 431 21.44 10.55 -20.86
CA LEU A 431 22.47 11.55 -20.65
C LEU A 431 23.81 10.87 -20.34
N GLU A 432 24.88 11.61 -20.56
CA GLU A 432 26.22 11.12 -20.27
C GLU A 432 26.53 11.23 -18.78
N LYS A 433 27.39 10.33 -18.32
CA LYS A 433 27.86 10.36 -16.94
C LYS A 433 29.10 11.24 -16.75
N GLU A 434 29.84 11.52 -17.81
CA GLU A 434 31.03 12.35 -17.73
C GLU A 434 31.01 13.41 -18.83
N PRO A 435 31.80 14.48 -18.67
CA PRO A 435 31.88 15.48 -19.74
C PRO A 435 32.43 14.86 -21.02
N ILE A 436 32.00 15.42 -22.16
CA ILE A 436 32.36 14.88 -23.46
C ILE A 436 33.56 15.64 -24.00
N VAL A 437 34.63 14.92 -24.33
CA VAL A 437 35.83 15.53 -24.90
C VAL A 437 35.57 15.91 -26.34
N GLY A 438 36.02 17.09 -26.74
CA GLY A 438 35.79 17.54 -28.09
C GLY A 438 34.40 18.05 -28.39
N ALA A 439 33.51 18.09 -27.41
CA ALA A 439 32.19 18.66 -27.60
C ALA A 439 32.16 20.10 -27.09
N GLU A 440 31.55 20.99 -27.88
CA GLU A 440 31.38 22.37 -27.45
C GLU A 440 30.67 22.45 -26.11
N THR A 441 31.12 23.35 -25.24
CA THR A 441 30.51 23.55 -23.93
C THR A 441 29.63 24.79 -23.94
N PHE A 442 28.33 24.59 -23.77
CA PHE A 442 27.36 25.68 -23.72
C PHE A 442 27.02 26.03 -22.27
N TYR A 443 27.37 27.24 -21.85
CA TYR A 443 26.91 27.79 -20.58
C TYR A 443 25.62 28.55 -20.82
N VAL A 444 24.55 28.12 -20.17
CA VAL A 444 23.23 28.70 -20.37
C VAL A 444 22.75 29.40 -19.10
N ASP A 445 21.85 30.37 -19.28
CA ASP A 445 21.18 31.00 -18.16
C ASP A 445 19.95 31.74 -18.66
N GLY A 446 18.97 31.87 -17.77
CA GLY A 446 17.79 32.64 -18.05
C GLY A 446 17.44 33.49 -16.84
N ALA A 447 16.63 34.51 -17.09
CA ALA A 447 16.21 35.43 -16.05
C ALA A 447 14.99 36.17 -16.56
N ALA A 448 14.00 36.34 -15.70
CA ALA A 448 12.84 37.14 -16.04
C ALA A 448 12.62 38.20 -14.99
N ASN A 449 11.99 39.30 -15.40
CA ASN A 449 11.57 40.34 -14.48
C ASN A 449 10.19 39.96 -13.96
N ARG A 450 10.10 39.68 -12.66
CA ARG A 450 8.85 39.21 -12.09
C ARG A 450 7.75 40.27 -12.15
N GLU A 451 8.10 41.53 -12.39
CA GLU A 451 7.13 42.61 -12.42
C GLU A 451 6.47 42.75 -13.78
N THR A 452 7.27 42.84 -14.84
CA THR A 452 6.75 43.02 -16.19
C THR A 452 6.70 41.73 -16.98
N LYS A 453 7.07 40.60 -16.38
CA LYS A 453 7.13 39.31 -17.06
C LYS A 453 8.06 39.32 -18.28
N LEU A 454 8.98 40.29 -18.33
CA LEU A 454 9.97 40.35 -19.40
C LEU A 454 11.20 39.60 -18.97
N GLY A 455 11.74 38.77 -19.86
CA GLY A 455 12.97 38.07 -19.53
C GLY A 455 13.85 37.85 -20.74
N LYS A 456 14.97 37.18 -20.48
CA LYS A 456 15.93 36.85 -21.52
C LYS A 456 16.46 35.44 -21.25
N ALA A 457 16.95 34.80 -22.31
CA ALA A 457 17.57 33.48 -22.18
C ALA A 457 18.64 33.37 -23.24
N GLY A 458 19.64 32.52 -22.97
CA GLY A 458 20.71 32.34 -23.93
C GLY A 458 21.85 31.52 -23.38
N TYR A 459 22.98 31.62 -24.07
CA TYR A 459 24.13 30.78 -23.77
C TYR A 459 25.40 31.47 -24.23
N VAL A 460 26.52 30.99 -23.69
CA VAL A 460 27.86 31.37 -24.15
C VAL A 460 28.71 30.10 -24.19
N THR A 461 29.43 29.89 -25.28
CA THR A 461 30.18 28.65 -25.40
C THR A 461 31.68 28.90 -25.38
N ASN A 462 32.43 27.80 -25.37
CA ASN A 462 33.88 27.89 -25.36
C ASN A 462 34.46 28.27 -26.72
N LYS A 463 33.70 28.17 -27.80
CA LYS A 463 34.18 28.56 -29.12
C LYS A 463 33.84 29.99 -29.48
N GLY A 464 33.34 30.77 -28.51
CA GLY A 464 32.91 32.12 -28.77
C GLY A 464 31.49 32.24 -29.27
N ARG A 465 30.79 31.13 -29.47
CA ARG A 465 29.39 31.19 -29.83
C ARG A 465 28.57 31.74 -28.67
N GLN A 466 27.67 32.66 -28.96
CA GLN A 466 26.71 33.02 -27.93
C GLN A 466 25.39 33.45 -28.56
N LYS A 467 24.39 33.56 -27.70
CA LYS A 467 23.07 34.00 -28.14
C LYS A 467 22.29 34.47 -26.92
N VAL A 468 21.52 35.54 -27.11
CA VAL A 468 20.55 36.00 -26.12
C VAL A 468 19.28 36.38 -26.86
N VAL A 469 18.16 35.84 -26.41
CA VAL A 469 16.86 36.09 -27.02
C VAL A 469 15.98 36.79 -26.00
N PRO A 470 15.33 37.89 -26.35
CA PRO A 470 14.40 38.54 -25.42
C PRO A 470 13.06 37.83 -25.46
N LEU A 471 12.41 37.75 -24.29
CA LEU A 471 11.17 36.99 -24.13
C LEU A 471 10.12 37.84 -23.43
N THR A 472 8.86 37.63 -23.81
CA THR A 472 7.71 38.28 -23.21
C THR A 472 6.80 37.23 -22.57
N ASN A 473 6.15 37.61 -21.46
CA ASN A 473 5.18 36.76 -20.76
C ASN A 473 5.84 35.45 -20.30
N THR A 474 6.92 35.62 -19.53
CA THR A 474 7.73 34.50 -19.10
C THR A 474 8.01 34.62 -17.61
N THR A 475 8.66 33.60 -17.06
CA THR A 475 9.02 33.52 -15.64
C THR A 475 10.47 33.07 -15.53
N ASN A 476 11.00 33.07 -14.32
CA ASN A 476 12.38 32.58 -14.14
C ASN A 476 12.50 31.13 -14.56
N GLN A 477 11.55 30.30 -14.16
CA GLN A 477 11.62 28.88 -14.51
C GLN A 477 11.52 28.68 -16.01
N LYS A 478 10.72 29.50 -16.70
CA LYS A 478 10.55 29.31 -18.13
C LYS A 478 11.80 29.67 -18.90
N THR A 479 12.47 30.76 -18.51
CA THR A 479 13.67 31.17 -19.24
C THR A 479 14.82 30.20 -19.01
N GLU A 480 14.90 29.60 -17.83
CA GLU A 480 15.94 28.62 -17.57
C GLU A 480 15.81 27.43 -18.53
N LEU A 481 14.57 27.00 -18.79
CA LEU A 481 14.36 25.90 -19.73
C LEU A 481 14.60 26.36 -21.16
N GLN A 482 14.18 27.57 -21.49
CA GLN A 482 14.44 28.11 -22.83
C GLN A 482 15.93 28.16 -23.12
N ALA A 483 16.73 28.63 -22.16
CA ALA A 483 18.18 28.65 -22.37
C ALA A 483 18.68 27.28 -22.80
N ILE A 484 18.33 26.23 -22.05
CA ILE A 484 18.77 24.87 -22.39
C ILE A 484 18.31 24.50 -23.80
N TYR A 485 17.07 24.87 -24.16
CA TYR A 485 16.55 24.57 -25.48
C TYR A 485 17.40 25.22 -26.58
N LEU A 486 17.76 26.50 -26.39
CA LEU A 486 18.59 27.17 -27.39
C LEU A 486 19.93 26.46 -27.55
N ALA A 487 20.54 26.06 -26.43
CA ALA A 487 21.82 25.37 -26.50
C ALA A 487 21.69 24.06 -27.27
N LEU A 488 20.59 23.33 -27.08
CA LEU A 488 20.41 22.09 -27.82
C LEU A 488 20.14 22.38 -29.28
N GLN A 489 19.35 23.40 -29.55
CA GLN A 489 18.99 23.77 -30.91
C GLN A 489 20.19 24.22 -31.73
N ASP A 490 21.21 24.80 -31.10
CA ASP A 490 22.30 25.43 -31.82
C ASP A 490 23.62 24.64 -31.74
N SER A 491 23.64 23.46 -31.13
CA SER A 491 24.87 22.70 -30.98
C SER A 491 24.94 21.54 -31.96
N GLY A 492 26.14 20.98 -32.11
CA GLY A 492 26.28 19.76 -32.89
C GLY A 492 25.68 18.55 -32.18
N LEU A 493 26.06 17.37 -32.67
CA LEU A 493 25.47 16.11 -32.23
C LEU A 493 25.90 15.73 -30.82
N GLU A 494 27.07 16.20 -30.39
CA GLU A 494 27.54 16.05 -29.03
C GLU A 494 27.75 17.42 -28.41
N VAL A 495 27.34 17.56 -27.14
CA VAL A 495 27.36 18.87 -26.51
C VAL A 495 27.40 18.69 -24.99
N ASN A 496 28.17 19.57 -24.34
CA ASN A 496 28.15 19.74 -22.90
C ASN A 496 27.35 20.99 -22.56
N ILE A 497 26.44 20.89 -21.58
CA ILE A 497 25.58 22.00 -21.18
C ILE A 497 25.76 22.25 -19.70
N VAL A 498 26.07 23.49 -19.34
CA VAL A 498 26.29 23.92 -17.97
C VAL A 498 25.15 24.86 -17.60
N THR A 499 24.40 24.52 -16.54
CA THR A 499 23.29 25.34 -16.11
C THR A 499 23.34 25.46 -14.59
N ASP A 500 22.69 26.49 -14.07
CA ASP A 500 22.53 26.64 -12.63
C ASP A 500 21.11 26.36 -12.16
N SER A 501 20.20 26.01 -13.07
CA SER A 501 18.78 25.84 -12.73
C SER A 501 18.52 24.49 -12.05
N GLN A 502 18.39 24.49 -10.72
CA GLN A 502 17.92 23.29 -10.04
C GLN A 502 16.57 22.84 -10.59
N TYR A 503 15.75 23.79 -11.02
CA TYR A 503 14.45 23.45 -11.61
C TYR A 503 14.63 22.57 -12.84
N ALA A 504 15.50 22.96 -13.76
CA ALA A 504 15.65 22.19 -15.00
C ALA A 504 16.25 20.82 -14.72
N LEU A 505 17.27 20.76 -13.86
CA LEU A 505 17.88 19.49 -13.49
C LEU A 505 16.84 18.52 -12.94
N GLY A 506 15.96 19.02 -12.05
CA GLY A 506 14.95 18.17 -11.47
C GLY A 506 14.03 17.55 -12.49
N ILE A 507 13.70 18.31 -13.55
CA ILE A 507 12.86 17.76 -14.60
C ILE A 507 13.65 16.72 -15.41
N ILE A 508 14.81 17.11 -15.93
CA ILE A 508 15.59 16.23 -16.80
C ILE A 508 16.04 14.97 -16.04
N GLN A 509 16.44 15.11 -14.78
CA GLN A 509 16.86 13.89 -14.05
C GLN A 509 15.67 12.96 -13.80
N ALA A 510 14.44 13.45 -13.90
CA ALA A 510 13.29 12.57 -13.88
C ALA A 510 13.11 11.81 -15.19
N GLN A 511 13.83 12.22 -16.24
CA GLN A 511 13.89 11.52 -17.52
C GLN A 511 12.53 11.34 -18.16
N PRO A 512 11.76 12.40 -18.37
CA PRO A 512 10.49 12.27 -19.09
C PRO A 512 10.72 12.12 -20.58
N ASP A 513 9.72 11.52 -21.24
CA ASP A 513 9.65 11.52 -22.69
C ASP A 513 8.43 12.28 -23.20
N LYS A 514 7.55 12.75 -22.32
CA LYS A 514 6.38 13.52 -22.70
C LYS A 514 6.01 14.41 -21.53
N SER A 515 5.56 15.63 -21.83
CA SER A 515 5.32 16.62 -20.78
C SER A 515 4.04 17.38 -21.09
N GLU A 516 3.44 17.94 -20.03
CA GLU A 516 2.35 18.88 -20.23
C GLU A 516 2.85 20.25 -20.66
N SER A 517 4.11 20.55 -20.40
CA SER A 517 4.73 21.80 -20.84
C SER A 517 5.32 21.63 -22.23
N GLU A 518 4.91 22.51 -23.15
CA GLU A 518 5.43 22.44 -24.52
C GLU A 518 6.93 22.74 -24.55
N LEU A 519 7.42 23.56 -23.63
CA LEU A 519 8.84 23.83 -23.60
C LEU A 519 9.64 22.60 -23.21
N VAL A 520 9.14 21.82 -22.24
CA VAL A 520 9.83 20.58 -21.89
C VAL A 520 9.77 19.59 -23.05
N ASN A 521 8.62 19.50 -23.72
CA ASN A 521 8.50 18.57 -24.85
C ASN A 521 9.47 18.94 -25.95
N GLN A 522 9.67 20.23 -26.19
CA GLN A 522 10.62 20.65 -27.22
C GLN A 522 12.04 20.26 -26.85
N ILE A 523 12.43 20.50 -25.60
CA ILE A 523 13.72 20.02 -25.12
C ILE A 523 13.86 18.53 -25.38
N ILE A 524 12.83 17.75 -25.05
CA ILE A 524 12.89 16.31 -25.24
C ILE A 524 13.15 15.97 -26.71
N GLU A 525 12.43 16.61 -27.63
CA GLU A 525 12.65 16.38 -29.05
C GLU A 525 14.08 16.73 -29.47
N GLN A 526 14.66 17.76 -28.86
CA GLN A 526 16.05 18.05 -29.13
C GLN A 526 16.97 16.96 -28.59
N LEU A 527 16.74 16.52 -27.34
CA LEU A 527 17.61 15.49 -26.77
C LEU A 527 17.60 14.23 -27.62
N ILE A 528 16.44 13.86 -28.15
CA ILE A 528 16.31 12.64 -28.94
C ILE A 528 17.18 12.70 -30.17
N LYS A 529 17.35 13.89 -30.75
CA LYS A 529 18.15 14.01 -31.96
C LYS A 529 19.65 13.96 -31.70
N LYS A 530 20.08 14.10 -30.44
CA LYS A 530 21.49 14.22 -30.13
C LYS A 530 22.16 12.86 -30.00
N GLU A 531 23.47 12.86 -30.16
CA GLU A 531 24.28 11.67 -29.93
C GLU A 531 24.66 11.52 -28.47
N LYS A 532 25.29 12.54 -27.91
CA LYS A 532 25.68 12.56 -26.51
C LYS A 532 25.35 13.92 -25.93
N VAL A 533 24.75 13.92 -24.74
CA VAL A 533 24.44 15.14 -24.01
C VAL A 533 24.90 14.98 -22.58
N TYR A 534 25.85 15.81 -22.16
CA TYR A 534 26.25 15.89 -20.77
C TYR A 534 25.68 17.18 -20.18
N LEU A 535 24.85 17.04 -19.14
CA LEU A 535 24.20 18.15 -18.45
C LEU A 535 24.86 18.33 -17.09
N ALA A 536 25.54 19.46 -16.90
CA ALA A 536 26.24 19.75 -15.67
C ALA A 536 25.55 20.87 -14.92
N TRP A 537 25.62 20.80 -13.59
CA TRP A 537 25.01 21.81 -12.74
C TRP A 537 26.09 22.55 -11.98
N VAL A 538 25.91 23.86 -11.82
CA VAL A 538 26.77 24.67 -10.95
C VAL A 538 25.84 25.54 -10.10
N PRO A 539 26.24 25.98 -8.91
CA PRO A 539 25.39 26.91 -8.16
C PRO A 539 25.46 28.32 -8.76
N ALA A 540 24.36 29.05 -8.66
CA ALA A 540 24.25 30.38 -9.24
C ALA A 540 24.91 31.43 -8.35
N HIS A 541 25.12 32.62 -8.94
CA HIS A 541 25.56 33.81 -8.23
C HIS A 541 26.84 33.55 -7.44
N LYS A 542 27.72 32.71 -7.98
CA LYS A 542 28.95 32.32 -7.30
C LYS A 542 30.17 32.73 -8.10
N GLY A 543 30.01 33.60 -9.08
CA GLY A 543 31.16 34.05 -9.84
C GLY A 543 31.75 32.99 -10.74
N ILE A 544 30.98 31.96 -11.05
CA ILE A 544 31.44 30.90 -11.94
C ILE A 544 31.42 31.41 -13.37
N GLY A 545 32.61 31.50 -13.97
CA GLY A 545 32.70 31.99 -15.34
C GLY A 545 31.89 31.16 -16.30
N GLY A 546 31.58 31.78 -17.43
CA GLY A 546 30.63 31.19 -18.35
C GLY A 546 29.24 31.41 -17.80
N ASN A 547 28.98 30.84 -16.61
CA ASN A 547 27.69 31.05 -15.95
C ASN A 547 27.53 32.51 -15.52
N GLU A 548 28.54 33.06 -14.86
CA GLU A 548 28.48 34.45 -14.43
C GLU A 548 28.44 35.40 -15.63
N GLN A 549 29.25 35.13 -16.65
CA GLN A 549 29.29 35.98 -17.83
C GLN A 549 28.02 35.87 -18.68
N VAL A 550 27.25 34.79 -18.54
CA VAL A 550 25.95 34.70 -19.18
C VAL A 550 24.79 35.06 -18.23
N ASP A 551 25.03 35.08 -16.92
CA ASP A 551 24.02 35.59 -15.99
C ASP A 551 23.84 37.08 -16.14
N LYS A 552 24.93 37.81 -16.41
CA LYS A 552 24.84 39.27 -16.59
C LYS A 552 24.17 39.61 -17.92
N LEU A 553 24.52 38.88 -18.98
CA LEU A 553 23.91 39.14 -20.29
C LEU A 553 22.41 38.86 -20.28
N VAL A 554 21.99 37.88 -19.48
CA VAL A 554 20.59 37.46 -19.47
C VAL A 554 19.77 38.37 -18.56
N SER A 555 20.32 38.78 -17.43
CA SER A 555 19.67 39.73 -16.52
C SER A 555 20.09 41.17 -16.78
N ALA A 556 20.25 41.56 -18.05
CA ALA A 556 20.66 42.91 -18.40
C ALA A 556 19.44 43.80 -18.62
N ILE B 5 0.30 -14.00 37.88
CA ILE B 5 0.02 -13.09 36.77
C ILE B 5 -1.47 -12.75 36.76
N GLU B 6 -2.09 -12.87 35.57
CA GLU B 6 -3.53 -12.69 35.37
C GLU B 6 -4.01 -11.28 35.63
N THR B 7 -3.14 -10.27 35.50
CA THR B 7 -3.52 -8.88 35.74
C THR B 7 -2.69 -7.97 34.84
N VAL B 8 -3.34 -7.27 33.93
CA VAL B 8 -2.67 -6.31 33.05
C VAL B 8 -3.58 -5.12 32.76
N PRO B 9 -3.73 -4.16 33.70
CA PRO B 9 -4.57 -2.99 33.42
C PRO B 9 -4.06 -2.15 32.26
N VAL B 10 -4.67 -2.31 31.08
CA VAL B 10 -4.23 -1.64 29.86
C VAL B 10 -5.45 -1.18 29.08
N LYS B 11 -5.38 0.03 28.52
CA LYS B 11 -6.49 0.58 27.76
C LYS B 11 -5.92 1.37 26.58
N LEU B 12 -6.78 2.17 25.94
CA LEU B 12 -6.39 3.01 24.81
C LEU B 12 -6.16 4.45 25.27
N LYS B 13 -5.55 5.24 24.38
CA LYS B 13 -5.37 6.66 24.66
C LYS B 13 -6.74 7.35 24.71
N PRO B 14 -6.91 8.36 25.56
CA PRO B 14 -8.22 9.03 25.66
C PRO B 14 -8.56 9.76 24.37
N GLY B 15 -9.73 9.41 23.81
CA GLY B 15 -10.20 10.02 22.58
C GLY B 15 -9.77 9.33 21.31
N MET B 16 -9.43 8.05 21.37
CA MET B 16 -8.97 7.30 20.21
C MET B 16 -9.67 5.96 20.16
N ASP B 17 -10.20 5.60 18.99
CA ASP B 17 -10.82 4.30 18.78
C ASP B 17 -9.77 3.28 18.34
N GLY B 18 -10.14 2.01 18.46
CA GLY B 18 -9.27 0.92 18.08
C GLY B 18 -8.94 0.92 16.60
N PRO B 19 -7.91 0.17 16.21
CA PRO B 19 -7.45 0.19 14.82
C PRO B 19 -8.45 -0.50 13.89
N LYS B 20 -8.71 0.13 12.77
CA LYS B 20 -9.52 -0.50 11.73
C LYS B 20 -8.76 -0.49 10.42
N VAL B 21 -7.65 -1.21 10.37
CA VAL B 21 -6.78 -1.20 9.19
C VAL B 21 -7.13 -2.37 8.28
N LYS B 22 -7.22 -2.08 6.99
CA LYS B 22 -7.59 -3.09 6.02
C LYS B 22 -6.44 -4.06 5.76
N GLN B 23 -6.79 -5.33 5.63
CA GLN B 23 -5.82 -6.37 5.33
C GLN B 23 -5.45 -6.32 3.85
N TRP B 24 -4.21 -6.32 3.57
CA TRP B 24 -3.82 -6.27 2.17
C TRP B 24 -3.74 -7.67 1.59
N PRO B 25 -3.73 -7.80 0.25
CA PRO B 25 -3.72 -9.12 -0.37
C PRO B 25 -2.47 -9.93 0.01
N LEU B 26 -2.67 -11.25 0.10
CA LEU B 26 -1.61 -12.19 0.42
C LEU B 26 -1.59 -13.31 -0.61
N THR B 27 -0.38 -13.79 -0.92
CA THR B 27 -0.23 -14.94 -1.81
C THR B 27 -0.78 -16.20 -1.14
N GLU B 28 -1.03 -17.20 -1.98
CA GLU B 28 -1.50 -18.50 -1.50
C GLU B 28 -0.53 -19.12 -0.50
N GLU B 29 0.78 -19.05 -0.75
CA GLU B 29 1.71 -19.68 0.18
C GLU B 29 1.63 -19.04 1.55
N LYS B 30 1.47 -17.72 1.62
CA LYS B 30 1.44 -17.04 2.92
C LYS B 30 0.13 -17.29 3.64
N ILE B 31 -0.98 -17.39 2.91
CA ILE B 31 -2.26 -17.69 3.54
C ILE B 31 -2.23 -19.07 4.17
N LYS B 32 -1.71 -20.07 3.44
CA LYS B 32 -1.63 -21.41 4.00
C LYS B 32 -0.75 -21.45 5.24
N ALA B 33 0.39 -20.78 5.19
CA ALA B 33 1.26 -20.77 6.36
C ALA B 33 0.57 -20.11 7.55
N LEU B 34 -0.12 -19.00 7.31
CA LEU B 34 -0.82 -18.32 8.40
C LEU B 34 -1.94 -19.21 8.94
N VAL B 35 -2.60 -19.97 8.07
CA VAL B 35 -3.65 -20.87 8.51
C VAL B 35 -3.07 -21.94 9.43
N GLU B 36 -1.98 -22.58 8.99
CA GLU B 36 -1.33 -23.58 9.84
C GLU B 36 -0.89 -22.96 11.17
N ILE B 37 -0.18 -21.83 11.10
CA ILE B 37 0.34 -21.21 12.31
C ILE B 37 -0.79 -20.86 13.27
N CYS B 38 -1.88 -20.29 12.75
CA CYS B 38 -2.96 -19.82 13.60
C CYS B 38 -3.79 -20.98 14.13
N THR B 39 -3.93 -22.05 13.36
CA THR B 39 -4.61 -23.24 13.85
C THR B 39 -3.90 -23.79 15.08
N GLU B 40 -2.58 -23.87 15.04
CA GLU B 40 -1.84 -24.33 16.20
C GLU B 40 -1.95 -23.33 17.35
N MET B 41 -1.81 -22.03 17.04
CA MET B 41 -1.91 -21.01 18.08
C MET B 41 -3.27 -21.06 18.78
N GLU B 42 -4.33 -21.35 18.03
CA GLU B 42 -5.66 -21.44 18.63
C GLU B 42 -5.76 -22.63 19.59
N LYS B 43 -5.09 -23.74 19.26
CA LYS B 43 -5.11 -24.89 20.15
C LYS B 43 -4.33 -24.63 21.43
N GLU B 44 -3.22 -23.87 21.35
CA GLU B 44 -2.47 -23.51 22.54
C GLU B 44 -3.10 -22.37 23.34
N GLY B 45 -4.29 -21.90 22.95
CA GLY B 45 -4.92 -20.80 23.65
C GLY B 45 -4.36 -19.41 23.37
N LYS B 46 -3.41 -19.28 22.43
CA LYS B 46 -2.83 -17.97 22.18
C LYS B 46 -3.85 -17.02 21.58
N ILE B 47 -4.72 -17.53 20.69
CA ILE B 47 -5.71 -16.74 19.99
C ILE B 47 -7.04 -17.49 20.00
N SER B 48 -8.12 -16.74 19.81
CA SER B 48 -9.46 -17.31 19.74
C SER B 48 -10.20 -16.68 18.56
N LYS B 49 -11.11 -17.45 17.96
CA LYS B 49 -11.96 -16.91 16.91
C LYS B 49 -12.90 -15.86 17.48
N ILE B 50 -13.34 -14.94 16.61
CA ILE B 50 -14.21 -13.84 17.03
C ILE B 50 -15.31 -13.66 16.01
N GLY B 51 -16.38 -12.98 16.43
CA GLY B 51 -17.53 -12.77 15.59
C GLY B 51 -17.54 -11.39 14.98
N PRO B 52 -18.62 -11.07 14.24
CA PRO B 52 -18.68 -9.78 13.54
C PRO B 52 -18.93 -8.59 14.44
N GLU B 53 -19.21 -8.82 15.73
CA GLU B 53 -19.35 -7.71 16.66
C GLU B 53 -18.02 -7.04 16.97
N ASN B 54 -16.91 -7.61 16.51
CA ASN B 54 -15.59 -6.99 16.59
C ASN B 54 -15.30 -6.30 15.26
N PRO B 55 -15.37 -4.97 15.17
CA PRO B 55 -15.06 -4.29 13.91
C PRO B 55 -13.59 -3.98 13.70
N TYR B 56 -12.76 -4.08 14.73
CA TYR B 56 -11.36 -3.69 14.64
C TYR B 56 -10.57 -4.68 13.80
N ASN B 57 -9.53 -4.17 13.14
CA ASN B 57 -8.66 -5.05 12.38
C ASN B 57 -7.26 -4.48 12.30
N THR B 58 -6.28 -5.38 12.20
CA THR B 58 -4.87 -5.07 12.08
C THR B 58 -4.31 -6.05 11.06
N PRO B 59 -3.49 -5.58 10.11
CA PRO B 59 -3.03 -6.47 9.04
C PRO B 59 -1.98 -7.46 9.54
N VAL B 60 -1.96 -8.61 8.89
CA VAL B 60 -1.08 -9.71 9.24
C VAL B 60 -0.45 -10.24 7.97
N PHE B 61 0.74 -10.81 8.09
CA PHE B 61 1.34 -11.52 6.96
C PHE B 61 2.41 -12.47 7.47
N ALA B 62 3.05 -13.16 6.54
CA ALA B 62 4.02 -14.19 6.86
C ALA B 62 5.42 -13.74 6.48
N ILE B 63 6.38 -14.20 7.27
CA ILE B 63 7.78 -13.80 7.15
C ILE B 63 8.62 -15.06 7.23
N LYS B 64 9.47 -15.27 6.23
CA LYS B 64 10.35 -16.43 6.18
C LYS B 64 11.78 -15.92 6.28
N LYS B 65 12.29 -15.80 7.50
CA LYS B 65 13.69 -15.43 7.69
C LYS B 65 14.58 -16.52 7.13
N LYS B 66 15.63 -16.11 6.39
CA LYS B 66 16.53 -17.06 5.76
C LYS B 66 17.14 -18.04 6.76
N ASP B 67 17.09 -17.72 8.05
CA ASP B 67 17.64 -18.59 9.08
C ASP B 67 16.86 -19.89 9.21
N SER B 68 15.56 -19.87 8.89
CA SER B 68 14.72 -21.03 9.01
C SER B 68 13.90 -21.20 7.74
N THR B 69 13.54 -22.46 7.45
CA THR B 69 12.68 -22.78 6.33
C THR B 69 11.21 -22.83 6.71
N LYS B 70 10.85 -22.29 7.87
CA LYS B 70 9.47 -22.22 8.33
C LYS B 70 9.02 -20.76 8.37
N TRP B 71 7.72 -20.56 8.17
CA TRP B 71 7.18 -19.21 8.13
C TRP B 71 6.94 -18.68 9.54
N ARG B 72 7.05 -17.36 9.69
CA ARG B 72 6.73 -16.67 10.92
C ARG B 72 5.57 -15.72 10.69
N LYS B 73 4.77 -15.50 11.72
CA LYS B 73 3.63 -14.60 11.65
C LYS B 73 4.05 -13.22 12.10
N LEU B 74 3.84 -12.23 11.22
CA LEU B 74 4.12 -10.83 11.54
C LEU B 74 2.81 -10.07 11.55
N VAL B 75 2.48 -9.45 12.69
CA VAL B 75 1.30 -8.61 12.81
C VAL B 75 1.78 -7.16 12.75
N ASP B 76 1.31 -6.43 11.76
CA ASP B 76 1.68 -5.02 11.66
C ASP B 76 0.88 -4.20 12.66
N PHE B 77 1.41 -4.04 13.87
CA PHE B 77 0.73 -3.34 14.94
C PHE B 77 0.99 -1.83 14.93
N ARG B 78 1.48 -1.28 13.81
CA ARG B 78 1.84 0.14 13.78
C ARG B 78 0.69 1.03 14.21
N GLU B 79 -0.50 0.81 13.65
CA GLU B 79 -1.63 1.64 14.00
C GLU B 79 -2.06 1.43 15.46
N LEU B 80 -2.11 0.17 15.90
CA LEU B 80 -2.47 -0.10 17.29
C LEU B 80 -1.47 0.53 18.25
N ASN B 81 -0.17 0.42 17.95
CA ASN B 81 0.84 0.94 18.86
C ASN B 81 0.71 2.45 19.05
N LYS B 82 0.26 3.17 18.03
CA LYS B 82 0.03 4.61 18.18
C LYS B 82 -1.18 4.90 19.07
N ARG B 83 -2.11 3.97 19.18
CA ARG B 83 -3.38 4.24 19.84
C ARG B 83 -3.45 3.70 21.28
N THR B 84 -2.47 2.94 21.73
CA THR B 84 -2.44 2.49 23.12
C THR B 84 -1.70 3.50 23.99
N GLN B 85 -2.10 3.56 25.26
CA GLN B 85 -1.49 4.50 26.17
C GLN B 85 0.00 4.26 26.30
N ASP B 86 0.74 5.33 26.54
CA ASP B 86 2.17 5.21 26.79
C ASP B 86 2.38 4.66 28.20
N PHE B 87 3.22 3.63 28.31
CA PHE B 87 3.38 2.90 29.58
C PHE B 87 4.48 3.55 30.41
N TRP B 88 4.11 4.67 31.05
CA TRP B 88 5.00 5.34 31.99
C TRP B 88 4.75 4.94 33.43
N GLU B 89 3.58 4.37 33.74
CA GLU B 89 3.33 3.87 35.08
C GLU B 89 4.27 2.74 35.44
N VAL B 90 4.73 1.97 34.44
CA VAL B 90 5.76 0.96 34.68
C VAL B 90 7.12 1.63 34.76
N GLN B 91 7.58 2.20 33.65
CA GLN B 91 8.83 2.95 33.60
C GLN B 91 8.65 4.13 32.65
N LEU B 92 9.29 5.25 32.96
CA LEU B 92 9.28 6.40 32.07
C LEU B 92 10.31 6.21 30.96
N GLY B 93 10.30 5.04 30.32
CA GLY B 93 11.32 4.69 29.35
C GLY B 93 12.66 4.45 30.00
N ILE B 94 13.04 3.19 30.17
CA ILE B 94 14.31 2.82 30.79
C ILE B 94 15.44 3.51 30.02
N PRO B 95 16.35 4.19 30.72
CA PRO B 95 17.42 4.93 30.02
C PRO B 95 18.13 4.08 28.99
N HIS B 96 18.12 4.53 27.75
CA HIS B 96 18.72 3.77 26.67
C HIS B 96 20.19 3.53 26.94
N PRO B 97 20.65 2.27 26.96
CA PRO B 97 22.05 2.00 27.27
C PRO B 97 23.01 2.59 26.24
N ALA B 98 23.66 3.70 26.58
CA ALA B 98 24.67 4.28 25.68
C ALA B 98 25.86 3.35 25.51
N GLY B 99 26.06 2.39 26.42
CA GLY B 99 27.12 1.40 26.24
C GLY B 99 26.83 0.41 25.14
N LEU B 100 25.59 0.32 24.69
CA LEU B 100 25.26 -0.55 23.55
C LEU B 100 26.01 -0.10 22.29
N LYS B 101 25.92 1.18 21.96
CA LYS B 101 26.58 1.76 20.79
C LYS B 101 28.08 1.94 20.98
N LYS B 102 28.62 1.57 22.14
CA LYS B 102 30.05 1.56 22.40
C LYS B 102 30.57 0.14 22.59
N LYS B 103 29.96 -0.83 21.92
CA LYS B 103 30.26 -2.24 22.08
C LYS B 103 30.77 -2.84 20.77
N LYS B 104 31.61 -3.86 20.88
CA LYS B 104 32.18 -4.48 19.69
C LYS B 104 31.34 -5.61 19.14
N SER B 105 30.55 -6.29 19.97
CA SER B 105 29.81 -7.46 19.52
C SER B 105 28.43 -7.45 20.18
N VAL B 106 27.45 -6.88 19.50
CA VAL B 106 26.07 -6.83 19.98
C VAL B 106 25.26 -7.85 19.19
N THR B 107 24.55 -8.72 19.89
CA THR B 107 23.74 -9.74 19.25
C THR B 107 22.28 -9.58 19.69
N VAL B 108 21.37 -9.90 18.78
CA VAL B 108 19.93 -9.73 18.99
C VAL B 108 19.30 -11.10 19.18
N LEU B 109 18.32 -11.18 20.07
CA LEU B 109 17.59 -12.41 20.33
C LEU B 109 16.10 -12.15 20.17
N ASP B 110 15.40 -13.12 19.60
CA ASP B 110 13.94 -13.06 19.45
C ASP B 110 13.31 -13.68 20.68
N VAL B 111 13.08 -12.87 21.71
CA VAL B 111 12.46 -13.34 22.94
C VAL B 111 10.94 -13.16 22.86
N GLY B 112 10.41 -13.03 21.64
CA GLY B 112 8.99 -12.79 21.48
C GLY B 112 8.12 -13.94 21.95
N ASP B 113 8.59 -15.17 21.77
CA ASP B 113 7.80 -16.31 22.22
C ASP B 113 7.56 -16.29 23.72
N ALA B 114 8.45 -15.63 24.49
CA ALA B 114 8.25 -15.50 25.92
C ALA B 114 7.02 -14.67 26.27
N TYR B 115 6.58 -13.77 25.38
CA TYR B 115 5.39 -12.97 25.66
C TYR B 115 4.13 -13.81 25.70
N PHE B 116 4.12 -14.96 25.01
CA PHE B 116 2.93 -15.78 24.85
C PHE B 116 2.47 -16.45 26.14
N SER B 117 3.28 -16.43 27.20
CA SER B 117 2.89 -17.09 28.44
C SER B 117 2.11 -16.20 29.38
N VAL B 118 2.11 -14.89 29.15
CA VAL B 118 1.44 -13.93 30.02
C VAL B 118 0.11 -13.54 29.39
N PRO B 119 -1.01 -13.66 30.11
CA PRO B 119 -2.31 -13.36 29.51
C PRO B 119 -2.49 -11.85 29.29
N LEU B 120 -3.47 -11.53 28.45
CA LEU B 120 -3.79 -10.17 28.06
C LEU B 120 -5.13 -9.74 28.64
N ASP B 121 -5.28 -8.43 28.81
CA ASP B 121 -6.50 -7.87 29.37
C ASP B 121 -7.71 -8.27 28.54
N GLU B 122 -8.71 -8.83 29.23
CA GLU B 122 -9.90 -9.33 28.54
C GLU B 122 -10.65 -8.22 27.82
N ASP B 123 -10.66 -7.01 28.37
CA ASP B 123 -11.31 -5.89 27.71
C ASP B 123 -10.46 -5.27 26.61
N PHE B 124 -9.18 -5.62 26.56
CA PHE B 124 -8.28 -5.10 25.53
C PHE B 124 -8.16 -6.02 24.32
N ARG B 125 -8.52 -7.30 24.46
CA ARG B 125 -8.25 -8.26 23.40
C ARG B 125 -8.93 -7.87 22.09
N LYS B 126 -10.11 -7.25 22.16
CA LYS B 126 -10.84 -6.88 20.96
C LYS B 126 -10.04 -5.97 20.03
N TYR B 127 -9.09 -5.20 20.56
CA TYR B 127 -8.30 -4.28 19.75
C TYR B 127 -7.17 -4.96 18.99
N THR B 128 -6.85 -6.22 19.31
CA THR B 128 -5.81 -6.96 18.60
C THR B 128 -6.38 -7.83 17.49
N ALA B 129 -7.60 -7.57 17.04
CA ALA B 129 -8.24 -8.41 16.04
C ALA B 129 -7.48 -8.37 14.72
N PHE B 130 -7.41 -9.52 14.05
CA PHE B 130 -6.77 -9.59 12.74
C PHE B 130 -7.49 -10.64 11.89
N THR B 131 -7.21 -10.59 10.60
CA THR B 131 -7.93 -11.37 9.60
C THR B 131 -6.93 -12.14 8.76
N ILE B 132 -7.15 -13.43 8.60
CA ILE B 132 -6.48 -14.22 7.57
C ILE B 132 -7.35 -14.15 6.31
N PRO B 133 -6.91 -13.47 5.27
CA PRO B 133 -7.78 -13.33 4.09
C PRO B 133 -7.87 -14.66 3.36
N SER B 134 -8.87 -14.75 2.50
CA SER B 134 -8.97 -15.86 1.55
C SER B 134 -8.68 -15.36 0.14
N ILE B 135 -8.28 -16.29 -0.72
CA ILE B 135 -8.05 -15.97 -2.12
C ILE B 135 -9.38 -15.67 -2.80
N ASN B 136 -9.40 -14.60 -3.59
CA ASN B 136 -10.55 -14.24 -4.42
C ASN B 136 -11.82 -14.02 -3.62
N ASN B 137 -11.71 -13.81 -2.30
CA ASN B 137 -12.88 -13.67 -1.42
C ASN B 137 -13.85 -14.84 -1.59
N GLU B 138 -13.29 -16.06 -1.69
CA GLU B 138 -14.13 -17.24 -1.86
C GLU B 138 -14.76 -17.69 -0.55
N THR B 139 -14.13 -17.37 0.56
CA THR B 139 -14.66 -17.62 1.89
C THR B 139 -14.43 -16.38 2.75
N PRO B 140 -15.26 -16.18 3.76
CA PRO B 140 -15.01 -15.06 4.69
C PRO B 140 -13.62 -15.19 5.31
N GLY B 141 -13.02 -14.04 5.62
CA GLY B 141 -11.72 -14.07 6.28
C GLY B 141 -11.82 -14.72 7.67
N ILE B 142 -10.87 -15.61 7.97
CA ILE B 142 -10.75 -16.17 9.31
C ILE B 142 -10.27 -15.09 10.26
N ARG B 143 -11.08 -14.79 11.27
CA ARG B 143 -10.79 -13.71 12.22
C ARG B 143 -10.43 -14.27 13.59
N TYR B 144 -9.37 -13.72 14.17
CA TYR B 144 -8.91 -14.09 15.50
C TYR B 144 -8.67 -12.82 16.32
N GLN B 145 -8.61 -13.00 17.63
CA GLN B 145 -8.10 -11.97 18.53
C GLN B 145 -7.16 -12.63 19.53
N TYR B 146 -6.14 -11.88 19.94
CA TYR B 146 -5.12 -12.41 20.83
C TYR B 146 -5.66 -12.54 22.26
N ASN B 147 -5.22 -13.59 22.95
CA ASN B 147 -5.56 -13.79 24.35
C ASN B 147 -4.38 -13.50 25.28
N VAL B 148 -3.16 -13.66 24.78
CA VAL B 148 -1.96 -13.39 25.55
C VAL B 148 -1.26 -12.19 24.93
N LEU B 149 -0.07 -11.85 25.42
CA LEU B 149 0.66 -10.71 24.90
C LEU B 149 1.05 -10.97 23.44
N PRO B 150 0.64 -10.11 22.50
CA PRO B 150 0.97 -10.33 21.09
C PRO B 150 2.38 -9.88 20.75
N GLN B 151 3.00 -10.60 19.82
CA GLN B 151 4.30 -10.23 19.29
C GLN B 151 4.15 -9.01 18.40
N GLY B 152 4.92 -7.95 18.67
CA GLY B 152 4.88 -6.73 17.90
C GLY B 152 4.11 -5.59 18.53
N TRP B 153 3.39 -5.83 19.62
CA TRP B 153 2.63 -4.78 20.27
C TRP B 153 3.52 -4.02 21.25
N LYS B 154 3.32 -2.71 21.33
CA LYS B 154 4.14 -1.88 22.22
C LYS B 154 3.97 -2.31 23.68
N GLY B 155 2.75 -2.69 24.06
CA GLY B 155 2.49 -3.09 25.44
C GLY B 155 3.13 -4.40 25.86
N SER B 156 3.58 -5.21 24.90
CA SER B 156 4.11 -6.53 25.27
C SER B 156 5.44 -6.44 26.02
N PRO B 157 6.44 -5.69 25.54
CA PRO B 157 7.65 -5.54 26.38
C PRO B 157 7.41 -4.71 27.64
N ALA B 158 6.53 -3.71 27.58
CA ALA B 158 6.26 -2.89 28.75
C ALA B 158 5.62 -3.69 29.88
N ILE B 159 4.68 -4.57 29.53
CA ILE B 159 4.05 -5.41 30.54
C ILE B 159 5.05 -6.47 31.02
N PHE B 160 5.68 -7.17 30.08
CA PHE B 160 6.64 -8.19 30.44
C PHE B 160 7.89 -7.62 31.11
N GLN B 161 8.02 -6.31 31.21
CA GLN B 161 9.24 -5.74 31.80
C GLN B 161 9.42 -6.16 33.25
N SER B 162 8.32 -6.40 33.98
CA SER B 162 8.47 -6.89 35.34
C SER B 162 9.06 -8.30 35.35
N SER B 163 8.59 -9.18 34.47
CA SER B 163 9.07 -10.55 34.44
C SER B 163 10.42 -10.67 33.74
N MET B 164 10.67 -9.86 32.71
CA MET B 164 11.93 -9.95 31.97
C MET B 164 13.13 -9.62 32.85
N THR B 165 13.01 -8.63 33.73
CA THR B 165 14.11 -8.32 34.64
C THR B 165 14.37 -9.41 35.67
N LYS B 166 13.42 -10.31 35.92
CA LYS B 166 13.66 -11.35 36.91
C LYS B 166 14.43 -12.52 36.32
N ILE B 167 14.11 -12.89 35.08
CA ILE B 167 14.86 -13.97 34.44
C ILE B 167 16.30 -13.57 34.15
N LEU B 168 16.57 -12.27 34.04
CA LEU B 168 17.90 -11.77 33.72
C LEU B 168 18.70 -11.31 34.93
N GLU B 169 18.09 -11.27 36.12
CA GLU B 169 18.82 -10.84 37.30
C GLU B 169 20.02 -11.72 37.63
N PRO B 170 19.94 -13.06 37.58
CA PRO B 170 21.16 -13.86 37.81
C PRO B 170 22.25 -13.62 36.78
N PHE B 171 21.88 -13.50 35.49
CA PHE B 171 22.89 -13.28 34.47
C PHE B 171 23.50 -11.89 34.57
N LYS B 172 22.69 -10.88 34.91
CA LYS B 172 23.22 -9.54 35.05
C LYS B 172 24.16 -9.44 36.24
N LYS B 173 23.85 -10.14 37.33
CA LYS B 173 24.75 -10.15 38.48
C LYS B 173 26.00 -10.98 38.20
N GLN B 174 25.86 -12.04 37.41
CA GLN B 174 27.03 -12.86 37.06
C GLN B 174 27.98 -12.13 36.11
N ASN B 175 27.51 -11.11 35.38
CA ASN B 175 28.37 -10.34 34.48
C ASN B 175 27.86 -8.92 34.38
N PRO B 176 28.39 -8.01 35.19
CA PRO B 176 27.96 -6.60 35.12
C PRO B 176 28.57 -5.83 33.95
N ASP B 177 29.56 -6.39 33.26
CA ASP B 177 30.09 -5.77 32.06
C ASP B 177 29.15 -5.89 30.86
N ILE B 178 28.15 -6.76 30.95
CA ILE B 178 27.22 -7.02 29.85
C ILE B 178 25.98 -6.17 30.06
N VAL B 179 25.65 -5.35 29.07
CA VAL B 179 24.47 -4.50 29.12
C VAL B 179 23.41 -5.10 28.21
N ILE B 180 22.18 -5.15 28.71
CA ILE B 180 21.05 -5.76 28.02
C ILE B 180 20.04 -4.65 27.74
N TYR B 181 19.58 -4.58 26.48
CA TYR B 181 18.50 -3.68 26.11
C TYR B 181 17.42 -4.48 25.40
N GLN B 182 16.17 -4.10 25.64
CA GLN B 182 15.03 -4.73 25.02
C GLN B 182 14.29 -3.70 24.18
N TYR B 183 14.01 -4.05 22.93
CA TYR B 183 13.13 -3.27 22.07
C TYR B 183 12.12 -4.22 21.46
N MET B 184 10.84 -3.99 21.74
CA MET B 184 9.77 -4.84 21.24
C MET B 184 10.03 -6.31 21.50
N ASP B 185 10.23 -7.08 20.43
CA ASP B 185 10.39 -8.52 20.55
C ASP B 185 11.85 -8.94 20.56
N ASP B 186 12.77 -8.00 20.71
CA ASP B 186 14.19 -8.25 20.52
C ASP B 186 14.95 -7.97 21.82
N LEU B 187 15.98 -8.78 22.05
CA LEU B 187 16.90 -8.56 23.17
C LEU B 187 18.27 -8.26 22.59
N TYR B 188 18.81 -7.09 22.92
CA TYR B 188 20.10 -6.63 22.42
C TYR B 188 21.15 -6.90 23.49
N VAL B 189 22.08 -7.82 23.19
CA VAL B 189 23.09 -8.28 24.15
C VAL B 189 24.47 -7.96 23.57
N GLY B 190 25.30 -7.28 24.36
CA GLY B 190 26.62 -6.89 23.93
C GLY B 190 27.71 -7.58 24.74
N SER B 191 28.83 -7.85 24.08
CA SER B 191 30.00 -8.45 24.73
C SER B 191 31.26 -7.95 24.02
N ASP B 192 32.41 -8.12 24.70
CA ASP B 192 33.67 -7.60 24.20
C ASP B 192 34.75 -8.68 24.10
N LEU B 193 34.36 -9.93 23.84
CA LEU B 193 35.29 -11.06 23.84
C LEU B 193 35.26 -11.76 22.48
N GLU B 194 36.01 -12.86 22.39
CA GLU B 194 36.16 -13.59 21.14
C GLU B 194 34.81 -14.13 20.65
N ILE B 195 34.74 -14.36 19.34
CA ILE B 195 33.48 -14.78 18.72
C ILE B 195 33.14 -16.21 19.10
N GLY B 196 34.13 -17.10 19.15
CA GLY B 196 33.86 -18.48 19.52
C GLY B 196 33.29 -18.62 20.91
N GLN B 197 33.81 -17.83 21.85
CA GLN B 197 33.26 -17.81 23.20
C GLN B 197 32.03 -16.92 23.32
N HIS B 198 31.85 -16.00 22.37
CA HIS B 198 30.65 -15.16 22.38
C HIS B 198 29.39 -16.01 22.22
N ARG B 199 29.37 -16.88 21.21
CA ARG B 199 28.20 -17.71 20.94
C ARG B 199 27.91 -18.69 22.06
N THR B 200 28.93 -19.05 22.86
CA THR B 200 28.70 -20.00 23.95
C THR B 200 28.09 -19.31 25.17
N LYS B 201 28.64 -18.16 25.57
CA LYS B 201 28.08 -17.44 26.71
C LYS B 201 26.77 -16.74 26.38
N ILE B 202 26.50 -16.51 25.08
CA ILE B 202 25.15 -16.09 24.69
C ILE B 202 24.18 -17.26 24.85
N GLU B 203 24.64 -18.48 24.57
CA GLU B 203 23.81 -19.66 24.83
C GLU B 203 23.53 -19.81 26.32
N GLU B 204 24.44 -19.31 27.18
CA GLU B 204 24.17 -19.30 28.62
C GLU B 204 22.96 -18.41 28.93
N LEU B 205 22.91 -17.23 28.31
CA LEU B 205 21.72 -16.40 28.40
C LEU B 205 20.51 -17.07 27.75
N ARG B 206 20.75 -17.83 26.68
CA ARG B 206 19.65 -18.48 25.97
C ARG B 206 18.96 -19.53 26.82
N GLN B 207 19.73 -20.23 27.67
CA GLN B 207 19.15 -21.32 28.45
C GLN B 207 18.40 -20.83 29.69
N HIS B 208 18.48 -19.54 30.01
CA HIS B 208 17.66 -19.00 31.09
C HIS B 208 16.18 -18.98 30.71
N LEU B 209 15.88 -18.74 29.43
CA LEU B 209 14.49 -18.69 28.98
C LEU B 209 13.88 -20.07 28.84
N LEU B 210 14.70 -21.08 28.54
CA LEU B 210 14.18 -22.44 28.40
C LEU B 210 13.75 -22.99 29.75
N ARG B 211 14.59 -22.81 30.77
CA ARG B 211 14.21 -23.25 32.11
C ARG B 211 12.96 -22.51 32.59
N TRP B 212 12.84 -21.23 32.25
CA TRP B 212 11.64 -20.47 32.57
C TRP B 212 10.48 -20.82 31.64
N GLY B 213 10.77 -21.20 30.39
CA GLY B 213 9.71 -21.55 29.47
C GLY B 213 8.99 -22.82 29.86
N LEU B 214 9.74 -23.85 30.28
CA LEU B 214 9.14 -25.11 30.70
C LEU B 214 8.84 -25.06 32.20
N THR B 215 7.85 -24.24 32.54
CA THR B 215 7.42 -24.06 33.92
C THR B 215 5.90 -23.97 33.99
N GLU B 224 8.56 -29.89 18.56
CA GLU B 224 9.74 -29.03 18.68
C GLU B 224 9.53 -27.96 19.75
N PRO B 225 10.46 -27.85 20.69
CA PRO B 225 10.32 -26.85 21.77
C PRO B 225 10.50 -25.44 21.24
N PRO B 226 9.57 -24.53 21.54
CA PRO B 226 9.66 -23.17 21.00
C PRO B 226 10.59 -22.27 21.80
N PHE B 227 11.83 -22.11 21.35
CA PHE B 227 12.76 -21.18 21.98
C PHE B 227 13.67 -20.60 20.91
N LEU B 228 14.84 -20.11 21.32
CA LEU B 228 15.71 -19.36 20.43
C LEU B 228 16.73 -20.27 19.75
N TRP B 229 16.95 -20.05 18.46
CA TRP B 229 17.90 -20.82 17.68
C TRP B 229 18.93 -19.97 16.95
N MET B 230 18.65 -18.70 16.68
CA MET B 230 19.52 -17.88 15.84
C MET B 230 19.83 -16.57 16.54
N GLY B 231 20.99 -16.01 16.20
CA GLY B 231 21.42 -14.72 16.70
C GLY B 231 22.09 -13.89 15.63
N TYR B 232 21.46 -12.79 15.23
CA TYR B 232 22.04 -11.88 14.24
C TYR B 232 23.09 -11.04 14.94
N GLU B 233 24.36 -11.27 14.60
CA GLU B 233 25.49 -10.69 15.32
C GLU B 233 25.96 -9.42 14.60
N LEU B 234 25.99 -8.31 15.34
CA LEU B 234 26.43 -7.02 14.84
C LEU B 234 27.74 -6.62 15.52
N HIS B 235 28.40 -5.62 14.92
CA HIS B 235 29.62 -5.06 15.48
C HIS B 235 29.54 -3.54 15.38
N PRO B 236 28.79 -2.92 16.30
CA PRO B 236 28.58 -1.46 16.21
C PRO B 236 29.83 -0.64 16.43
N ASP B 237 30.94 -1.25 16.85
CA ASP B 237 32.20 -0.54 16.93
C ASP B 237 32.99 -0.61 15.64
N LYS B 238 32.44 -1.21 14.59
CA LYS B 238 33.04 -1.25 13.26
C LYS B 238 32.03 -0.76 12.23
N TRP B 239 31.25 0.26 12.58
CA TRP B 239 30.22 0.80 11.71
C TRP B 239 30.72 2.01 10.94
N THR B 240 29.94 2.40 9.93
CA THR B 240 30.35 3.41 8.97
C THR B 240 30.03 4.82 9.48
N VAL B 241 31.03 5.69 9.42
CA VAL B 241 30.86 7.13 9.61
C VAL B 241 31.35 7.80 8.33
N GLN B 242 30.54 8.70 7.77
CA GLN B 242 30.86 9.30 6.47
C GLN B 242 31.10 10.79 6.58
N PRO B 243 32.33 11.24 6.83
CA PRO B 243 32.62 12.68 6.76
C PRO B 243 32.65 13.17 5.33
N ILE B 244 32.56 14.49 5.19
CA ILE B 244 32.62 15.14 3.88
C ILE B 244 34.08 15.19 3.46
N VAL B 245 34.41 14.49 2.38
CA VAL B 245 35.77 14.43 1.86
C VAL B 245 35.79 15.06 0.47
N LEU B 246 36.84 15.83 0.18
CA LEU B 246 37.13 16.49 -1.08
C LEU B 246 38.19 15.71 -1.84
N PRO B 247 38.13 15.75 -3.17
CA PRO B 247 39.11 15.03 -3.98
C PRO B 247 40.52 15.58 -3.80
N GLU B 248 41.51 14.71 -4.05
CA GLU B 248 42.92 15.09 -4.08
C GLU B 248 43.47 14.75 -5.46
N LYS B 249 43.77 15.78 -6.25
CA LYS B 249 44.22 15.61 -7.62
C LYS B 249 45.43 16.50 -7.87
N ASP B 250 46.22 16.13 -8.89
CA ASP B 250 47.33 16.97 -9.32
C ASP B 250 46.95 17.88 -10.48
N SER B 251 45.99 17.48 -11.30
CA SER B 251 45.44 18.34 -12.33
C SER B 251 43.92 18.34 -12.20
N TRP B 252 43.33 19.52 -12.28
CA TRP B 252 41.89 19.68 -12.16
C TRP B 252 41.35 20.19 -13.49
N THR B 253 40.29 19.57 -13.98
CA THR B 253 39.56 20.11 -15.13
C THR B 253 38.49 21.09 -14.67
N VAL B 254 37.99 21.89 -15.63
CA VAL B 254 36.87 22.79 -15.37
C VAL B 254 35.72 22.03 -14.74
N ASN B 255 35.35 20.90 -15.35
CA ASN B 255 34.29 20.11 -14.74
C ASN B 255 34.63 19.72 -13.31
N ASP B 256 35.88 19.29 -13.06
CA ASP B 256 36.26 18.89 -11.71
C ASP B 256 36.05 20.03 -10.72
N ILE B 257 36.43 21.26 -11.11
CA ILE B 257 36.29 22.41 -10.22
C ILE B 257 34.84 22.80 -10.04
N GLN B 258 34.01 22.65 -11.08
CA GLN B 258 32.58 22.90 -10.93
C GLN B 258 31.98 21.97 -9.88
N LYS B 259 32.23 20.66 -9.98
CA LYS B 259 31.66 19.74 -9.00
C LYS B 259 32.16 20.06 -7.60
N LEU B 260 33.46 20.36 -7.47
CA LEU B 260 34.00 20.71 -6.16
C LEU B 260 33.30 21.94 -5.58
N VAL B 261 33.17 23.01 -6.39
CA VAL B 261 32.52 24.22 -5.91
C VAL B 261 31.08 23.92 -5.51
N GLY B 262 30.39 23.07 -6.27
CA GLY B 262 29.04 22.69 -5.90
C GLY B 262 29.00 21.92 -4.60
N LYS B 263 29.92 20.97 -4.43
CA LYS B 263 29.99 20.24 -3.18
C LYS B 263 30.29 21.18 -2.01
N LEU B 264 31.25 22.09 -2.17
CA LEU B 264 31.59 22.99 -1.08
C LEU B 264 30.45 23.96 -0.77
N ASN B 265 29.78 24.44 -1.82
CA ASN B 265 28.58 25.25 -1.62
C ASN B 265 27.53 24.51 -0.80
N TRP B 266 27.33 23.23 -1.09
CA TRP B 266 26.36 22.44 -0.35
C TRP B 266 26.80 22.24 1.09
N ALA B 267 28.09 21.96 1.30
CA ALA B 267 28.58 21.73 2.66
C ALA B 267 28.63 23.00 3.48
N SER B 268 28.60 24.18 2.83
CA SER B 268 28.57 25.44 3.54
C SER B 268 27.25 25.65 4.29
N GLN B 269 26.21 24.89 3.97
CA GLN B 269 25.00 24.88 4.77
C GLN B 269 25.18 24.13 6.08
N ILE B 270 26.18 23.27 6.17
CA ILE B 270 26.45 22.50 7.38
C ILE B 270 27.62 23.11 8.16
N TYR B 271 28.67 23.52 7.47
CA TYR B 271 29.83 24.14 8.08
C TYR B 271 29.88 25.62 7.72
N PRO B 272 30.23 26.49 8.66
CA PRO B 272 30.12 27.93 8.41
C PRO B 272 31.27 28.51 7.60
N GLY B 273 32.51 28.14 7.95
CA GLY B 273 33.67 28.79 7.37
C GLY B 273 34.01 28.35 5.96
N ILE B 274 33.10 27.64 5.30
CA ILE B 274 33.38 27.14 3.97
C ILE B 274 33.35 28.31 2.99
N LYS B 275 34.46 28.55 2.30
CA LYS B 275 34.58 29.62 1.33
C LYS B 275 34.91 29.06 -0.04
N VAL B 276 34.33 29.68 -1.08
CA VAL B 276 34.47 29.21 -2.44
C VAL B 276 34.88 30.35 -3.38
N ARG B 277 35.23 31.51 -2.80
CA ARG B 277 35.54 32.68 -3.62
C ARG B 277 36.76 32.44 -4.49
N GLN B 278 37.83 31.88 -3.93
CA GLN B 278 39.06 31.71 -4.69
C GLN B 278 38.99 30.56 -5.70
N LEU B 279 38.13 29.56 -5.45
CA LEU B 279 38.01 28.45 -6.40
C LEU B 279 37.14 28.83 -7.59
N SER B 280 36.05 29.58 -7.33
CA SER B 280 35.27 30.12 -8.43
C SER B 280 36.07 31.09 -9.27
N LYS B 281 37.07 31.74 -8.65
CA LYS B 281 37.98 32.60 -9.40
C LYS B 281 38.71 31.81 -10.48
N LEU B 282 39.01 30.53 -10.23
CA LEU B 282 39.68 29.70 -11.22
C LEU B 282 38.83 29.54 -12.48
N LEU B 283 37.51 29.63 -12.33
CA LEU B 283 36.60 29.55 -13.47
C LEU B 283 36.32 30.96 -13.98
N ARG B 284 37.38 31.60 -14.46
CA ARG B 284 37.34 32.97 -14.97
C ARG B 284 37.43 32.91 -16.49
N GLY B 285 36.28 32.72 -17.12
CA GLY B 285 36.21 32.61 -18.56
C GLY B 285 35.02 31.75 -18.95
N THR B 286 35.19 31.06 -20.08
CA THR B 286 34.14 30.25 -20.68
C THR B 286 34.76 28.98 -21.25
N LYS B 287 35.48 28.25 -20.42
CA LYS B 287 36.35 27.22 -20.97
C LYS B 287 35.58 25.92 -21.23
N ALA B 288 36.20 25.05 -22.01
CA ALA B 288 35.67 23.72 -22.24
C ALA B 288 35.73 22.88 -20.96
N LEU B 289 34.74 22.00 -20.79
CA LEU B 289 34.57 21.29 -19.52
C LEU B 289 35.75 20.39 -19.20
N THR B 290 36.38 19.80 -20.22
CA THR B 290 37.49 18.85 -20.02
C THR B 290 38.85 19.54 -20.03
N GLU B 291 38.89 20.86 -20.11
CA GLU B 291 40.14 21.58 -20.12
C GLU B 291 40.73 21.61 -18.71
N VAL B 292 42.02 21.29 -18.62
CA VAL B 292 42.73 21.29 -17.36
C VAL B 292 43.05 22.72 -16.95
N ILE B 293 42.69 23.09 -15.73
CA ILE B 293 42.90 24.42 -15.18
C ILE B 293 43.96 24.31 -14.08
N PRO B 294 45.07 25.02 -14.17
CA PRO B 294 46.04 25.00 -13.07
C PRO B 294 45.47 25.73 -11.86
N LEU B 295 45.73 25.18 -10.68
CA LEU B 295 45.26 25.78 -9.43
C LEU B 295 46.23 26.87 -8.98
N THR B 296 45.73 28.11 -8.89
CA THR B 296 46.48 29.17 -8.25
C THR B 296 46.66 28.87 -6.76
N GLU B 297 47.83 29.20 -6.23
CA GLU B 297 48.13 28.91 -4.83
C GLU B 297 47.18 29.63 -3.87
N GLU B 298 46.49 30.68 -4.34
CA GLU B 298 45.47 31.30 -3.52
C GLU B 298 44.20 30.47 -3.47
N ALA B 299 43.87 29.76 -4.56
CA ALA B 299 42.76 28.83 -4.52
C ALA B 299 43.16 27.53 -3.83
N GLU B 300 44.39 27.06 -4.06
CA GLU B 300 44.93 25.94 -3.29
C GLU B 300 44.94 26.25 -1.81
N LEU B 301 45.16 27.51 -1.46
CA LEU B 301 44.99 27.93 -0.07
C LEU B 301 43.57 27.66 0.39
N GLU B 302 42.59 28.25 -0.30
CA GLU B 302 41.19 28.12 0.11
C GLU B 302 40.75 26.65 0.20
N LEU B 303 41.23 25.79 -0.70
CA LEU B 303 40.89 24.38 -0.62
C LEU B 303 41.46 23.74 0.64
N ALA B 304 42.55 24.29 1.18
CA ALA B 304 43.18 23.72 2.35
C ALA B 304 42.36 24.01 3.62
N GLU B 305 41.88 25.25 3.79
CA GLU B 305 41.05 25.55 4.96
C GLU B 305 39.76 24.76 4.93
N ASN B 306 39.12 24.69 3.76
CA ASN B 306 37.89 23.92 3.67
C ASN B 306 38.12 22.48 4.06
N ARG B 307 39.25 21.92 3.63
CA ARG B 307 39.58 20.54 3.98
C ARG B 307 39.71 20.37 5.50
N GLU B 308 40.37 21.33 6.17
CA GLU B 308 40.53 21.21 7.61
C GLU B 308 39.22 21.43 8.36
N ILE B 309 38.37 22.32 7.83
CA ILE B 309 37.06 22.56 8.42
C ILE B 309 36.22 21.29 8.40
N LEU B 310 36.31 20.52 7.32
CA LEU B 310 35.51 19.31 7.21
C LEU B 310 36.00 18.20 8.13
N LYS B 311 37.14 18.37 8.78
CA LYS B 311 37.65 17.36 9.71
C LYS B 311 36.93 17.39 11.06
N GLU B 312 36.36 18.52 11.44
CA GLU B 312 35.70 18.69 12.73
C GLU B 312 34.23 18.31 12.64
N PRO B 313 33.64 17.87 13.75
CA PRO B 313 32.21 17.51 13.73
C PRO B 313 31.34 18.73 13.44
N VAL B 314 30.06 18.46 13.19
CA VAL B 314 29.09 19.52 12.96
C VAL B 314 28.85 20.28 14.26
N HIS B 315 28.79 21.61 14.15
CA HIS B 315 28.62 22.45 15.32
C HIS B 315 27.15 22.49 15.74
N GLY B 316 26.91 22.44 17.05
CA GLY B 316 25.57 22.59 17.58
C GLY B 316 24.61 21.49 17.17
N VAL B 317 25.06 20.24 17.20
CA VAL B 317 24.22 19.09 16.89
C VAL B 317 24.00 18.29 18.16
N TYR B 318 22.79 17.76 18.33
CA TYR B 318 22.41 17.04 19.53
C TYR B 318 21.24 16.13 19.19
N TYR B 319 20.96 15.20 20.10
CA TYR B 319 19.78 14.35 19.98
C TYR B 319 18.70 14.82 20.93
N ASP B 320 17.46 14.84 20.45
CA ASP B 320 16.30 15.21 21.26
C ASP B 320 15.28 14.08 21.22
N PRO B 321 15.02 13.40 22.34
CA PRO B 321 14.08 12.27 22.32
C PRO B 321 12.64 12.66 22.09
N SER B 322 12.29 13.95 22.19
CA SER B 322 10.92 14.39 21.94
C SER B 322 10.61 14.47 20.45
N LYS B 323 11.63 14.70 19.62
CA LYS B 323 11.43 14.85 18.18
C LYS B 323 11.63 13.52 17.46
N ASP B 324 11.08 13.45 16.25
CA ASP B 324 11.19 12.24 15.44
C ASP B 324 12.54 12.20 14.73
N LEU B 325 13.06 10.98 14.55
CA LEU B 325 14.26 10.76 13.75
C LEU B 325 13.86 10.55 12.30
N ILE B 326 14.56 11.22 11.38
CA ILE B 326 14.30 11.11 9.96
C ILE B 326 15.49 10.43 9.30
N ALA B 327 15.22 9.39 8.51
CA ALA B 327 16.25 8.69 7.74
C ALA B 327 15.96 8.89 6.26
N GLU B 328 16.93 9.47 5.55
CA GLU B 328 16.89 9.57 4.10
C GLU B 328 17.89 8.59 3.50
N ILE B 329 17.49 7.94 2.41
CA ILE B 329 18.33 6.98 1.70
C ILE B 329 18.46 7.42 0.25
N GLN B 330 19.68 7.31 -0.30
CA GLN B 330 19.89 7.55 -1.72
C GLN B 330 20.44 6.28 -2.36
N LYS B 331 19.93 5.97 -3.55
CA LYS B 331 20.45 4.89 -4.37
C LYS B 331 21.67 5.41 -5.14
N GLN B 332 22.82 4.78 -4.93
CA GLN B 332 24.07 5.20 -5.57
C GLN B 332 24.49 4.27 -6.71
N GLY B 333 23.77 3.19 -6.95
CA GLY B 333 24.13 2.33 -8.05
C GLY B 333 25.13 1.25 -7.67
N GLN B 334 25.00 0.10 -8.32
CA GLN B 334 25.89 -1.04 -8.12
C GLN B 334 25.92 -1.47 -6.66
N GLY B 335 24.75 -1.53 -6.05
CA GLY B 335 24.61 -2.01 -4.69
C GLY B 335 24.95 -1.02 -3.61
N GLN B 336 25.39 0.18 -3.97
CA GLN B 336 25.78 1.18 -3.00
C GLN B 336 24.56 2.01 -2.59
N TRP B 337 24.40 2.22 -1.29
CA TRP B 337 23.29 2.99 -0.79
C TRP B 337 23.79 3.87 0.34
N THR B 338 23.49 5.15 0.27
CA THR B 338 23.90 6.10 1.30
C THR B 338 22.68 6.52 2.11
N TYR B 339 22.94 6.89 3.36
CA TYR B 339 21.84 7.27 4.23
C TYR B 339 22.32 8.31 5.24
N GLN B 340 21.35 9.05 5.77
CA GLN B 340 21.58 10.03 6.82
C GLN B 340 20.40 9.98 7.77
N ILE B 341 20.71 10.03 9.07
CA ILE B 341 19.73 10.10 10.14
C ILE B 341 19.86 11.46 10.81
N TYR B 342 18.76 12.20 10.90
CA TYR B 342 18.79 13.54 11.47
C TYR B 342 17.42 13.86 12.06
N GLN B 343 17.35 14.99 12.76
CA GLN B 343 16.06 15.54 13.17
C GLN B 343 15.83 16.92 12.60
N GLU B 344 16.84 17.73 12.54
CA GLU B 344 16.86 19.03 11.91
C GLU B 344 17.73 18.98 10.67
N PRO B 345 17.27 19.55 9.57
CA PRO B 345 18.06 19.54 8.33
C PRO B 345 19.49 20.01 8.56
N PHE B 346 20.44 19.32 7.94
CA PHE B 346 21.88 19.61 7.99
C PHE B 346 22.48 19.39 9.37
N LYS B 347 21.71 18.90 10.34
CA LYS B 347 22.23 18.48 11.63
C LYS B 347 22.13 16.96 11.70
N ASN B 348 23.00 16.28 10.96
CA ASN B 348 22.97 14.83 10.92
C ASN B 348 23.46 14.23 12.22
N LEU B 349 22.76 13.22 12.70
CA LEU B 349 23.22 12.47 13.86
C LEU B 349 24.03 11.24 13.47
N LYS B 350 23.92 10.78 12.22
CA LYS B 350 24.68 9.63 11.75
C LYS B 350 24.51 9.53 10.24
N THR B 351 25.61 9.24 9.56
CA THR B 351 25.59 8.98 8.14
C THR B 351 26.33 7.68 7.88
N GLY B 352 25.97 7.00 6.80
CA GLY B 352 26.60 5.74 6.49
C GLY B 352 26.35 5.33 5.06
N LYS B 353 27.07 4.30 4.64
CA LYS B 353 26.95 3.74 3.31
C LYS B 353 26.90 2.21 3.41
N TYR B 354 26.16 1.61 2.47
CA TYR B 354 26.04 0.16 2.37
C TYR B 354 26.53 -0.26 0.99
N ALA B 355 27.59 -1.07 0.95
CA ALA B 355 28.26 -1.41 -0.29
C ALA B 355 27.64 -2.62 -0.99
N ARG B 356 27.41 -3.70 -0.25
CA ARG B 356 26.91 -4.94 -0.81
C ARG B 356 25.69 -5.36 0.01
N MET B 357 24.71 -5.94 -0.66
CA MET B 357 23.52 -6.46 -0.02
C MET B 357 23.37 -7.95 -0.33
N ARG B 358 22.75 -8.68 0.61
CA ARG B 358 22.54 -10.12 0.48
C ARG B 358 21.80 -10.46 -0.80
N GLY B 359 22.51 -11.01 -1.77
CA GLY B 359 21.93 -11.21 -3.09
C GLY B 359 21.46 -9.89 -3.66
N ALA B 360 20.27 -9.92 -4.27
CA ALA B 360 19.58 -8.73 -4.75
C ALA B 360 20.42 -7.90 -5.72
N HIS B 361 21.45 -8.50 -6.32
CA HIS B 361 22.24 -7.78 -7.31
C HIS B 361 21.43 -7.43 -8.55
N THR B 362 20.28 -8.06 -8.72
CA THR B 362 19.35 -7.76 -9.80
C THR B 362 18.04 -7.16 -9.29
N ASN B 363 17.89 -7.02 -7.97
CA ASN B 363 16.64 -6.56 -7.36
C ASN B 363 16.88 -5.33 -6.48
N ASP B 364 16.44 -4.17 -6.96
CA ASP B 364 16.63 -2.90 -6.26
C ASP B 364 15.77 -2.81 -4.99
N VAL B 365 14.54 -3.32 -5.05
CA VAL B 365 13.64 -3.20 -3.91
C VAL B 365 14.08 -4.08 -2.76
N LYS B 366 14.59 -5.29 -3.05
CA LYS B 366 15.14 -6.11 -1.97
C LYS B 366 16.31 -5.39 -1.31
N GLN B 367 17.15 -4.71 -2.11
CA GLN B 367 18.29 -4.00 -1.54
C GLN B 367 17.82 -2.87 -0.64
N LEU B 368 16.90 -2.04 -1.15
CA LEU B 368 16.40 -0.95 -0.33
C LEU B 368 15.75 -1.48 0.93
N THR B 369 14.97 -2.56 0.81
CA THR B 369 14.23 -3.13 1.93
C THR B 369 15.17 -3.50 3.07
N GLU B 370 16.19 -4.29 2.78
CA GLU B 370 17.05 -4.67 3.89
C GLU B 370 18.00 -3.55 4.29
N ALA B 371 18.25 -2.57 3.42
CA ALA B 371 18.87 -1.33 3.88
C ALA B 371 18.01 -0.65 4.93
N VAL B 372 16.68 -0.63 4.73
CA VAL B 372 15.81 -0.01 5.73
C VAL B 372 15.91 -0.78 7.05
N GLN B 373 15.99 -2.11 6.98
CA GLN B 373 16.09 -2.89 8.20
C GLN B 373 17.39 -2.61 8.94
N LYS B 374 18.51 -2.56 8.21
CA LYS B 374 19.78 -2.29 8.85
C LYS B 374 19.79 -0.91 9.51
N ILE B 375 19.31 0.11 8.79
CA ILE B 375 19.25 1.46 9.34
C ILE B 375 18.36 1.51 10.57
N THR B 376 17.26 0.77 10.58
CA THR B 376 16.40 0.74 11.76
C THR B 376 17.10 0.08 12.95
N THR B 377 17.73 -1.07 12.71
CA THR B 377 18.48 -1.73 13.77
C THR B 377 19.55 -0.81 14.36
N GLU B 378 20.29 -0.12 13.50
CA GLU B 378 21.28 0.83 14.00
C GLU B 378 20.61 1.93 14.82
N SER B 379 19.42 2.35 14.40
CA SER B 379 18.72 3.40 15.11
C SER B 379 18.24 2.92 16.48
N ILE B 380 17.83 1.65 16.57
CA ILE B 380 17.41 1.08 17.84
C ILE B 380 18.59 0.99 18.81
N VAL B 381 19.76 0.57 18.32
CA VAL B 381 20.91 0.43 19.20
C VAL B 381 21.36 1.80 19.71
N ILE B 382 21.32 2.82 18.85
CA ILE B 382 21.87 4.12 19.23
C ILE B 382 20.88 4.91 20.07
N TRP B 383 19.59 4.86 19.74
CA TRP B 383 18.60 5.70 20.40
C TRP B 383 17.43 4.96 20.99
N GLY B 384 17.30 3.66 20.73
CA GLY B 384 16.11 2.94 21.18
C GLY B 384 14.82 3.43 20.55
N LYS B 385 14.88 3.94 19.32
CA LYS B 385 13.71 4.48 18.63
C LYS B 385 13.86 4.24 17.14
N THR B 386 12.75 3.91 16.47
CA THR B 386 12.85 3.74 15.03
C THR B 386 12.66 5.09 14.32
N PRO B 387 13.35 5.32 13.21
CA PRO B 387 13.18 6.59 12.48
C PRO B 387 12.08 6.50 11.42
N LYS B 388 11.64 7.69 11.01
CA LYS B 388 10.70 7.84 9.91
C LYS B 388 11.49 7.94 8.61
N PHE B 389 11.21 7.05 7.67
CA PHE B 389 12.01 6.93 6.45
C PHE B 389 11.45 7.79 5.31
N LYS B 390 12.37 8.35 4.54
CA LYS B 390 12.08 8.95 3.24
C LYS B 390 12.77 8.06 2.21
N LEU B 391 11.96 7.33 1.40
CA LEU B 391 12.38 6.25 0.50
C LEU B 391 12.40 6.72 -0.93
N PRO B 392 13.49 6.47 -1.65
CA PRO B 392 13.55 6.83 -3.08
C PRO B 392 12.90 5.77 -3.97
N ILE B 393 11.57 5.78 -3.98
CA ILE B 393 10.82 4.75 -4.68
C ILE B 393 9.37 5.19 -4.77
N GLN B 394 8.74 4.93 -5.92
CA GLN B 394 7.31 5.14 -6.07
C GLN B 394 6.55 4.30 -5.05
N LYS B 395 5.54 4.93 -4.43
CA LYS B 395 4.75 4.29 -3.39
C LYS B 395 4.21 2.94 -3.85
N GLU B 396 3.64 2.86 -5.05
CA GLU B 396 2.98 1.65 -5.52
C GLU B 396 3.97 0.49 -5.67
N THR B 397 5.23 0.78 -6.04
CA THR B 397 6.22 -0.28 -6.15
C THR B 397 6.65 -0.77 -4.78
N TRP B 398 6.96 0.15 -3.87
CA TRP B 398 7.35 -0.24 -2.52
C TRP B 398 6.25 -1.04 -1.84
N GLU B 399 5.02 -0.53 -1.87
CA GLU B 399 3.91 -1.18 -1.17
C GLU B 399 3.61 -2.55 -1.74
N THR B 400 3.96 -2.80 -3.01
CA THR B 400 3.69 -4.10 -3.61
C THR B 400 4.68 -5.16 -3.14
N TRP B 401 5.92 -4.78 -2.82
CA TRP B 401 6.99 -5.77 -2.71
C TRP B 401 7.75 -5.82 -1.39
N TRP B 402 7.64 -4.80 -0.51
CA TRP B 402 8.52 -4.77 0.66
C TRP B 402 8.26 -5.94 1.61
N THR B 403 7.02 -6.43 1.70
CA THR B 403 6.77 -7.57 2.58
C THR B 403 7.44 -8.85 2.08
N GLU B 404 7.74 -8.96 0.79
CA GLU B 404 8.37 -10.18 0.30
C GLU B 404 9.80 -10.33 0.81
N TYR B 405 10.45 -9.23 1.16
CA TYR B 405 11.84 -9.27 1.57
C TYR B 405 12.04 -8.93 3.04
N TRP B 406 10.99 -8.53 3.74
CA TRP B 406 11.12 -8.11 5.14
C TRP B 406 11.55 -9.28 6.01
N GLN B 407 12.15 -8.95 7.16
CA GLN B 407 12.64 -9.99 8.06
C GLN B 407 12.38 -9.61 9.51
N ALA B 408 12.60 -8.35 9.84
CA ALA B 408 12.50 -7.90 11.23
C ALA B 408 11.09 -8.07 11.77
N THR B 409 10.99 -8.16 13.10
CA THR B 409 9.69 -8.32 13.74
C THR B 409 8.99 -6.98 13.97
N TRP B 410 9.71 -5.86 13.88
CA TRP B 410 9.09 -4.54 13.93
C TRP B 410 8.98 -3.97 12.50
N ILE B 411 8.26 -2.85 12.38
CA ILE B 411 8.09 -2.15 11.11
C ILE B 411 8.11 -0.64 11.34
N PRO B 412 8.97 0.10 10.63
CA PRO B 412 9.02 1.55 10.83
C PRO B 412 7.98 2.28 10.01
N GLU B 413 7.96 3.61 10.09
CA GLU B 413 7.15 4.46 9.22
C GLU B 413 8.00 5.01 8.09
N TRP B 414 7.36 5.28 6.96
CA TRP B 414 8.09 5.73 5.79
C TRP B 414 7.20 6.64 4.95
N GLU B 415 7.84 7.55 4.23
CA GLU B 415 7.27 8.36 3.16
C GLU B 415 8.04 8.08 1.88
N PHE B 416 7.56 8.66 0.77
CA PHE B 416 8.13 8.42 -0.54
C PHE B 416 8.59 9.71 -1.19
N VAL B 417 9.82 9.71 -1.67
CA VAL B 417 10.44 10.84 -2.37
C VAL B 417 10.22 10.66 -3.87
N ASN B 418 9.55 11.62 -4.50
CA ASN B 418 9.22 11.54 -5.91
C ASN B 418 9.98 12.54 -6.77
N THR B 419 10.83 13.38 -6.18
CA THR B 419 11.65 14.31 -6.92
C THR B 419 13.12 13.99 -6.71
N PRO B 420 13.88 13.75 -7.78
CA PRO B 420 15.30 13.35 -7.62
C PRO B 420 16.10 14.41 -6.88
N PRO B 421 16.66 14.07 -5.73
CA PRO B 421 17.46 15.06 -4.98
C PRO B 421 18.76 15.37 -5.71
N LEU B 422 19.15 16.64 -5.68
CA LEU B 422 20.40 17.04 -6.31
C LEU B 422 21.62 16.64 -5.49
N VAL B 423 21.45 16.43 -4.18
CA VAL B 423 22.57 16.16 -3.26
C VAL B 423 22.98 14.69 -3.27
N LYS B 424 22.48 13.91 -4.24
CA LYS B 424 22.93 12.52 -4.37
C LYS B 424 24.43 12.45 -4.63
N LEU B 425 24.95 13.32 -5.51
CA LEU B 425 26.36 13.26 -5.86
C LEU B 425 27.26 13.70 -4.69
N TRP B 426 26.75 14.54 -3.80
CA TRP B 426 27.58 15.03 -2.70
C TRP B 426 27.83 13.95 -1.65
N TYR B 427 26.91 13.00 -1.48
CA TYR B 427 27.14 11.88 -0.59
C TYR B 427 27.89 10.74 -1.25
N GLN B 428 28.13 10.82 -2.55
CA GLN B 428 28.85 9.77 -3.26
C GLN B 428 30.36 9.98 -3.16
S DMS C . 21.12 10.11 -27.00
O DMS C . 20.78 9.41 -25.71
C1 DMS C . 21.65 11.81 -26.59
C2 DMS C . 19.53 10.39 -27.86
C1 XU9 D . -18.69 -22.05 -6.42
C2 XU9 D . -18.91 -23.35 -5.78
C3 XU9 D . -17.59 -22.35 -9.93
C5 XU9 D . -16.79 -23.15 -10.75
C6 XU9 D . -19.02 -22.04 -13.15
C8 XU9 D . -20.39 -20.64 -11.78
C10 XU9 D . -19.80 -20.14 -9.44
C12 XU9 D . -20.15 -18.60 -7.35
C13 XU9 D . -20.77 -17.27 -7.54
N XU9 D . -18.27 -22.30 -12.03
C XU9 D . -17.49 -22.19 -8.45
O XU9 D . -16.45 -22.05 -7.85
C11 XU9 D . -19.97 -19.47 -8.47
C14 XU9 D . -19.32 -17.36 -7.29
C4 XU9 D . -18.54 -21.78 -10.79
C7 XU9 D . -20.09 -21.21 -13.01
C9 XU9 D . -19.63 -20.87 -10.66
N1 XU9 D . -17.18 -23.14 -12.02
O1 XU9 D . -18.69 -22.26 -7.86
C1 EDO E . 12.85 8.74 -21.26
O1 EDO E . 14.25 8.49 -21.20
C2 EDO E . 12.17 7.68 -22.11
O2 EDO E . 12.98 7.47 -23.26
S SO4 F . 4.63 25.89 -21.45
O1 SO4 F . 5.87 25.23 -21.86
O2 SO4 F . 4.56 27.22 -22.02
O3 SO4 F . 3.48 25.10 -21.89
O4 SO4 F . 4.62 25.99 -19.98
S SO4 G . 1.82 8.64 -27.59
O1 SO4 G . 1.64 7.51 -28.51
O2 SO4 G . 2.61 9.67 -28.26
O3 SO4 G . 2.51 8.19 -26.39
O4 SO4 G . 0.53 9.22 -27.21
C1 EDO H . 22.16 23.59 -3.46
O1 EDO H . 22.94 23.81 -2.28
C2 EDO H . 22.49 22.22 -4.02
O2 EDO H . 22.33 21.25 -2.97
C1 EDO I . 1.51 -2.18 1.61
O1 EDO I . 1.82 -3.49 2.12
C2 EDO I . 1.01 -1.35 2.78
O2 EDO I . 2.14 -1.11 3.65
S SO4 J . 27.64 -5.56 11.13
O1 SO4 J . 27.77 -7.01 11.26
O2 SO4 J . 27.79 -5.18 9.74
O3 SO4 J . 26.32 -5.15 11.63
O4 SO4 J . 28.67 -4.90 11.93
#